data_6TP3
#
_entry.id   6TP3
#
_cell.length_a   61.223
_cell.length_b   146.423
_cell.length_c   73.6
_cell.angle_alpha   90
_cell.angle_beta   109.55
_cell.angle_gamma   90
#
_symmetry.space_group_name_H-M   'P 1 21 1'
#
loop_
_entity.id
_entity.type
_entity.pdbx_description
1 polymer 'Orexin receptor type 1'
2 non-polymer [(2~{S})-2-(6-chloranyl-7-methyl-1~{H}-benzimidazol-2-yl)-2-methyl-pyrrolidin-1-yl]-[5-methoxy-2-(1,2,3-triazol-2-yl)phenyl]methanone
3 non-polymer 'SULFATE ION'
4 non-polymer '(1R)-2-{[(S)-{[(2S)-2,3-dihydroxypropyl]oxy}(hydroxy)phosphoryl]oxy}-1-[(hexadecanoyloxy)methyl]ethyl (9Z)-octadec-9-enoate'
5 non-polymer 'octyl 1-thio-beta-D-glucopyranoside'
#
_entity_poly.entity_id   1
_entity_poly.type   'polypeptide(L)'
_entity_poly.pdbx_seq_one_letter_code
;AASEDEFLRYLWRDYLYPKQYAWVLIAAYVAVFVVALVGNTLVCLAVWRNHHMRTVTNYFLVNLSLADVLATAICLPASL
LVDITESWLFGHALCKVIPYLQAVSVSVAVLTLSFIALDRWYAICHPLLFKSTARRALGSILGIWAVSLAIMVPQAAVME
CSSVLPELAARTRAFSVCDERWADDLAPKIYHSCFFIVTYLAPLGLMAMAYFQIFRKLWGRQIPGTTSALVRNWKRPSDQ
LGDLEQGLSGEPQPRARAFLAEVKQMRARRKTAKMLMVVVLVFALCYLPISVLNVLKRVFGMFRQASDREAVYAAFTFSH
WLVYANSAANPIIYNFLSGKFREQFKAAFSWWLPGLAAAHHHHHHHHH
;
_entity_poly.pdbx_strand_id   A,B
#
loop_
_chem_comp.id
_chem_comp.type
_chem_comp.name
_chem_comp.formula
NS2 non-polymer [(2~{S})-2-(6-chloranyl-7-methyl-1~{H}-benzimidazol-2-yl)-2-methyl-pyrrolidin-1-yl]-[5-methoxy-2-(1,2,3-triazol-2-yl)phenyl]methanone 'C23 H23 Cl N6 O2'
PGW non-polymer '(1R)-2-{[(S)-{[(2S)-2,3-dihydroxypropyl]oxy}(hydroxy)phosphoryl]oxy}-1-[(hexadecanoyloxy)methyl]ethyl (9Z)-octadec-9-enoate' 'C40 H77 O10 P'
SO4 non-polymer 'SULFATE ION' 'O4 S -2'
SOG D-saccharide 'octyl 1-thio-beta-D-glucopyranoside' 'C14 H28 O5 S'
#
# COMPACT_ATOMS: atom_id res chain seq x y z
N LEU A 8 5.60 -15.79 -46.53
CA LEU A 8 4.86 -17.04 -46.73
C LEU A 8 3.78 -17.22 -45.66
N ARG A 9 4.00 -16.65 -44.46
CA ARG A 9 3.08 -16.76 -43.32
C ARG A 9 2.73 -15.39 -42.69
N TYR A 10 2.76 -14.31 -43.50
CA TYR A 10 2.40 -12.99 -42.97
C TYR A 10 0.99 -12.58 -43.37
N LEU A 11 0.01 -12.79 -42.44
CA LEU A 11 -1.41 -12.47 -42.61
C LEU A 11 -1.91 -11.68 -41.39
N TRP A 12 -1.51 -10.40 -41.32
CA TRP A 12 -1.83 -9.42 -40.27
C TRP A 12 -3.21 -8.78 -40.52
N ARG A 13 -3.60 -8.63 -41.79
CA ARG A 13 -4.88 -7.97 -42.22
C ARG A 13 -6.09 -8.91 -42.16
N ASP A 14 -5.92 -10.20 -42.47
CA ASP A 14 -6.98 -11.23 -42.38
C ASP A 14 -7.50 -11.20 -40.94
N TYR A 15 -6.62 -11.19 -39.94
CA TYR A 15 -7.06 -11.11 -38.53
C TYR A 15 -7.19 -9.64 -38.09
N LEU A 16 -6.80 -8.67 -38.94
CA LEU A 16 -6.86 -7.24 -38.51
C LEU A 16 -8.30 -6.82 -38.24
N TYR A 17 -9.24 -7.18 -39.13
CA TYR A 17 -10.65 -6.79 -38.90
C TYR A 17 -11.22 -7.73 -37.85
N PRO A 18 -11.53 -9.00 -38.20
CA PRO A 18 -12.02 -9.99 -37.25
C PRO A 18 -11.00 -11.11 -37.10
N LYS A 19 -10.99 -11.79 -35.95
CA LYS A 19 -10.09 -12.94 -35.69
C LYS A 19 -10.88 -14.24 -35.88
N GLN A 20 -10.21 -15.39 -36.02
CA GLN A 20 -10.98 -16.62 -36.22
C GLN A 20 -11.78 -17.01 -34.95
N TYR A 21 -11.28 -16.59 -33.76
CA TYR A 21 -11.94 -16.80 -32.47
C TYR A 21 -12.81 -15.58 -32.04
N ALA A 22 -12.92 -14.56 -32.93
CA ALA A 22 -13.60 -13.28 -32.68
C ALA A 22 -15.01 -13.41 -32.17
N TRP A 23 -15.85 -14.27 -32.77
CA TRP A 23 -17.22 -14.37 -32.31
C TRP A 23 -17.29 -14.88 -30.88
N VAL A 24 -16.51 -15.92 -30.58
CA VAL A 24 -16.43 -16.53 -29.25
C VAL A 24 -16.08 -15.48 -28.19
N LEU A 25 -15.14 -14.57 -28.53
CA LEU A 25 -14.73 -13.46 -27.68
C LEU A 25 -15.90 -12.50 -27.43
N ILE A 26 -16.68 -12.17 -28.49
CA ILE A 26 -17.85 -11.28 -28.37
C ILE A 26 -18.90 -11.92 -27.46
N ALA A 27 -19.21 -13.21 -27.68
CA ALA A 27 -20.15 -13.94 -26.85
C ALA A 27 -19.70 -13.97 -25.37
N ALA A 28 -18.41 -14.32 -25.11
CA ALA A 28 -17.87 -14.36 -23.73
C ALA A 28 -17.99 -12.99 -23.04
N TYR A 29 -17.65 -11.90 -23.77
CA TYR A 29 -17.73 -10.50 -23.28
C TYR A 29 -19.15 -10.06 -22.96
N VAL A 30 -20.10 -10.32 -23.88
CA VAL A 30 -21.50 -9.95 -23.69
C VAL A 30 -22.11 -10.69 -22.50
N ALA A 31 -21.84 -12.01 -22.42
CA ALA A 31 -22.34 -12.85 -21.36
C ALA A 31 -21.88 -12.30 -20.01
N VAL A 32 -20.56 -11.99 -19.88
CA VAL A 32 -19.94 -11.43 -18.68
C VAL A 32 -20.54 -10.04 -18.33
N PHE A 33 -20.77 -9.22 -19.37
CA PHE A 33 -21.35 -7.88 -19.23
C PHE A 33 -22.71 -7.95 -18.55
N VAL A 34 -23.64 -8.74 -19.13
CA VAL A 34 -25.00 -8.89 -18.63
C VAL A 34 -25.02 -9.45 -17.20
N VAL A 35 -24.33 -10.60 -16.99
CA VAL A 35 -24.27 -11.30 -15.72
C VAL A 35 -23.77 -10.37 -14.61
N ALA A 36 -22.68 -9.63 -14.88
CA ALA A 36 -22.09 -8.74 -13.88
C ALA A 36 -22.99 -7.55 -13.56
N LEU A 37 -23.66 -6.99 -14.56
CA LEU A 37 -24.53 -5.84 -14.32
C LEU A 37 -25.76 -6.22 -13.51
N VAL A 38 -26.45 -7.29 -13.89
CA VAL A 38 -27.64 -7.79 -13.19
C VAL A 38 -27.26 -8.25 -11.76
N GLY A 39 -26.31 -9.19 -11.68
CA GLY A 39 -25.83 -9.76 -10.43
C GLY A 39 -25.33 -8.74 -9.42
N ASN A 40 -24.43 -7.83 -9.83
CA ASN A 40 -23.93 -6.82 -8.90
C ASN A 40 -25.01 -5.84 -8.47
N THR A 41 -25.97 -5.53 -9.36
CA THR A 41 -27.10 -4.67 -8.99
C THR A 41 -27.92 -5.39 -7.92
N LEU A 42 -28.08 -6.73 -8.07
CA LEU A 42 -28.79 -7.56 -7.11
C LEU A 42 -28.08 -7.61 -5.75
N VAL A 43 -26.74 -7.48 -5.74
CA VAL A 43 -25.96 -7.46 -4.51
C VAL A 43 -26.29 -6.18 -3.74
N CYS A 44 -26.34 -5.03 -4.45
CA CYS A 44 -26.69 -3.76 -3.82
C CYS A 44 -28.14 -3.75 -3.33
N LEU A 45 -29.06 -4.26 -4.16
CA LEU A 45 -30.49 -4.29 -3.83
C LEU A 45 -30.83 -5.26 -2.72
N ALA A 46 -30.04 -6.36 -2.60
CA ALA A 46 -30.20 -7.34 -1.53
C ALA A 46 -29.83 -6.69 -0.20
N VAL A 47 -28.64 -6.07 -0.11
CA VAL A 47 -28.20 -5.38 1.11
C VAL A 47 -29.15 -4.22 1.45
N TRP A 48 -29.72 -3.55 0.44
CA TRP A 48 -30.70 -2.48 0.68
C TRP A 48 -32.00 -3.06 1.28
N ARG A 49 -32.50 -4.16 0.69
CA ARG A 49 -33.76 -4.81 1.05
C ARG A 49 -33.75 -5.39 2.46
N ASN A 50 -32.73 -6.20 2.79
CA ASN A 50 -32.63 -6.87 4.08
C ASN A 50 -31.75 -6.09 5.03
N HIS A 51 -32.33 -5.57 6.11
CA HIS A 51 -31.59 -4.81 7.12
C HIS A 51 -30.71 -5.71 7.97
N HIS A 52 -31.03 -7.01 8.07
CA HIS A 52 -30.25 -7.98 8.83
C HIS A 52 -28.91 -8.29 8.15
N MET A 53 -28.82 -8.03 6.84
CA MET A 53 -27.61 -8.25 6.04
C MET A 53 -26.69 -7.02 6.00
N ARG A 54 -27.07 -5.90 6.61
CA ARG A 54 -26.26 -4.68 6.60
C ARG A 54 -25.10 -4.77 7.60
N THR A 55 -24.20 -5.72 7.36
CA THR A 55 -23.02 -6.00 8.18
C THR A 55 -21.81 -5.28 7.58
N VAL A 56 -20.69 -5.22 8.34
CA VAL A 56 -19.44 -4.60 7.90
C VAL A 56 -18.91 -5.31 6.62
N THR A 57 -18.90 -6.66 6.62
CA THR A 57 -18.47 -7.46 5.47
C THR A 57 -19.33 -7.19 4.25
N ASN A 58 -20.66 -7.23 4.41
CA ASN A 58 -21.60 -7.00 3.30
C ASN A 58 -21.56 -5.60 2.77
N TYR A 59 -21.25 -4.60 3.62
CA TYR A 59 -21.07 -3.21 3.15
C TYR A 59 -19.84 -3.15 2.25
N PHE A 60 -18.76 -3.82 2.64
CA PHE A 60 -17.58 -3.88 1.79
C PHE A 60 -17.90 -4.64 0.50
N LEU A 61 -18.67 -5.76 0.58
CA LEU A 61 -19.06 -6.51 -0.61
C LEU A 61 -19.82 -5.79 -1.72
N VAL A 62 -20.70 -4.79 -1.35
CA VAL A 62 -21.37 -3.92 -2.33
C VAL A 62 -20.43 -2.80 -2.87
N ASN A 63 -19.38 -2.50 -2.04
CA ASN A 63 -18.34 -1.56 -2.43
C ASN A 63 -17.64 -2.30 -3.54
N LEU A 64 -17.36 -3.59 -3.32
CA LEU A 64 -16.76 -4.45 -4.32
C LEU A 64 -17.68 -4.55 -5.54
N SER A 65 -18.98 -4.63 -5.32
CA SER A 65 -19.93 -4.66 -6.43
C SER A 65 -20.02 -3.31 -7.20
N LEU A 66 -19.79 -2.17 -6.49
CA LEU A 66 -19.73 -0.84 -7.12
C LEU A 66 -18.48 -0.74 -8.02
N ALA A 67 -17.30 -1.17 -7.51
CA ALA A 67 -16.05 -1.17 -8.27
C ALA A 67 -16.24 -2.02 -9.49
N ASP A 68 -16.84 -3.22 -9.32
CA ASP A 68 -17.10 -4.17 -10.40
C ASP A 68 -18.06 -3.61 -11.47
N VAL A 69 -19.11 -2.88 -11.03
CA VAL A 69 -20.07 -2.26 -11.95
C VAL A 69 -19.41 -1.13 -12.73
N LEU A 70 -18.49 -0.36 -12.10
CA LEU A 70 -17.73 0.70 -12.78
C LEU A 70 -16.95 0.11 -13.91
N ALA A 71 -16.17 -0.94 -13.64
CA ALA A 71 -15.37 -1.58 -14.67
C ALA A 71 -16.26 -2.23 -15.75
N THR A 72 -17.38 -2.85 -15.36
CA THR A 72 -18.26 -3.54 -16.30
C THR A 72 -18.97 -2.57 -17.24
N ALA A 73 -19.55 -1.50 -16.69
CA ALA A 73 -20.30 -0.53 -17.47
C ALA A 73 -19.41 0.24 -18.47
N ILE A 74 -18.27 0.76 -18.04
CA ILE A 74 -17.42 1.58 -18.87
C ILE A 74 -16.23 0.85 -19.49
N CYS A 75 -15.39 0.16 -18.66
CA CYS A 75 -14.16 -0.44 -19.18
C CYS A 75 -14.36 -1.63 -20.10
N LEU A 76 -15.25 -2.57 -19.72
CA LEU A 76 -15.53 -3.79 -20.50
C LEU A 76 -15.87 -3.52 -21.96
N PRO A 77 -16.87 -2.64 -22.27
CA PRO A 77 -17.17 -2.38 -23.71
C PRO A 77 -15.96 -1.92 -24.49
N ALA A 78 -15.20 -0.96 -23.93
CA ALA A 78 -13.99 -0.41 -24.54
C ALA A 78 -12.94 -1.47 -24.74
N SER A 79 -12.67 -2.30 -23.70
CA SER A 79 -11.68 -3.38 -23.79
C SER A 79 -12.00 -4.37 -24.90
N LEU A 80 -13.29 -4.73 -25.08
CA LEU A 80 -13.71 -5.66 -26.12
C LEU A 80 -13.38 -5.06 -27.46
N LEU A 81 -13.73 -3.78 -27.65
CA LEU A 81 -13.47 -3.09 -28.89
C LEU A 81 -11.97 -3.03 -29.22
N VAL A 82 -11.16 -2.73 -28.20
CA VAL A 82 -9.72 -2.66 -28.37
C VAL A 82 -9.18 -4.03 -28.77
N ASP A 83 -9.56 -5.07 -28.05
CA ASP A 83 -9.10 -6.42 -28.33
C ASP A 83 -9.57 -6.94 -29.69
N ILE A 84 -10.74 -6.48 -30.16
CA ILE A 84 -11.28 -6.95 -31.47
C ILE A 84 -10.59 -6.23 -32.63
N THR A 85 -10.53 -4.91 -32.57
CA THR A 85 -9.97 -4.07 -33.62
C THR A 85 -8.46 -3.83 -33.54
N GLU A 86 -7.86 -4.04 -32.34
CA GLU A 86 -6.44 -3.78 -32.02
C GLU A 86 -6.12 -2.31 -32.23
N SER A 87 -7.16 -1.43 -32.15
CA SER A 87 -7.07 0.03 -32.32
C SER A 87 -8.03 0.81 -31.36
N TRP A 88 -7.65 2.05 -31.05
CA TRP A 88 -8.35 2.93 -30.13
C TRP A 88 -9.20 3.91 -30.90
N LEU A 89 -10.50 3.76 -30.77
CA LEU A 89 -11.45 4.56 -31.52
C LEU A 89 -12.21 5.61 -30.68
N PHE A 90 -11.79 5.84 -29.43
CA PHE A 90 -12.51 6.75 -28.55
C PHE A 90 -11.82 8.10 -28.24
N GLY A 91 -10.73 8.43 -28.93
CA GLY A 91 -10.04 9.69 -28.72
C GLY A 91 -9.10 9.77 -27.53
N HIS A 92 -8.32 10.86 -27.46
CA HIS A 92 -7.29 11.08 -26.46
C HIS A 92 -7.77 11.06 -25.04
N ALA A 93 -8.86 11.77 -24.74
CA ALA A 93 -9.40 11.86 -23.37
C ALA A 93 -9.80 10.52 -22.80
N LEU A 94 -10.59 9.75 -23.55
CA LEU A 94 -11.00 8.42 -23.09
C LEU A 94 -9.85 7.43 -23.00
N CYS A 95 -8.79 7.67 -23.78
CA CYS A 95 -7.56 6.87 -23.75
C CYS A 95 -6.93 7.00 -22.36
N LYS A 96 -7.12 8.15 -21.73
CA LYS A 96 -6.59 8.35 -20.40
C LYS A 96 -7.63 7.88 -19.37
N VAL A 97 -8.92 8.18 -19.60
CA VAL A 97 -10.01 7.89 -18.67
C VAL A 97 -10.32 6.42 -18.50
N ILE A 98 -10.64 5.68 -19.57
CA ILE A 98 -11.02 4.26 -19.46
C ILE A 98 -9.88 3.40 -18.80
N PRO A 99 -8.60 3.42 -19.27
CA PRO A 99 -7.56 2.68 -18.54
C PRO A 99 -7.43 3.19 -17.10
N TYR A 100 -7.64 4.52 -16.86
CA TYR A 100 -7.57 5.07 -15.52
C TYR A 100 -8.66 4.43 -14.62
N LEU A 101 -9.92 4.41 -15.12
CA LEU A 101 -11.03 3.83 -14.37
C LEU A 101 -10.82 2.34 -14.09
N GLN A 102 -10.20 1.60 -15.05
CA GLN A 102 -9.87 0.20 -14.84
C GLN A 102 -8.85 0.05 -13.75
N ALA A 103 -7.83 0.90 -13.74
CA ALA A 103 -6.80 0.88 -12.70
C ALA A 103 -7.43 1.19 -11.30
N VAL A 104 -8.37 2.17 -11.26
CA VAL A 104 -9.07 2.54 -10.04
C VAL A 104 -9.95 1.43 -9.58
N SER A 105 -10.69 0.79 -10.49
CA SER A 105 -11.55 -0.33 -10.16
C SER A 105 -10.75 -1.48 -9.53
N VAL A 106 -9.54 -1.77 -10.06
CA VAL A 106 -8.66 -2.81 -9.53
C VAL A 106 -8.22 -2.50 -8.10
N SER A 107 -7.76 -1.26 -7.87
CA SER A 107 -7.33 -0.77 -6.57
C SER A 107 -8.45 -0.84 -5.55
N VAL A 108 -9.66 -0.34 -5.94
CA VAL A 108 -10.83 -0.38 -5.06
C VAL A 108 -11.15 -1.82 -4.67
N ALA A 109 -11.23 -2.74 -5.67
CA ALA A 109 -11.51 -4.14 -5.40
C ALA A 109 -10.51 -4.78 -4.41
N VAL A 110 -9.20 -4.66 -4.68
CA VAL A 110 -8.19 -5.30 -3.84
C VAL A 110 -8.12 -4.68 -2.43
N LEU A 111 -8.34 -3.38 -2.32
CA LEU A 111 -8.31 -2.76 -1.00
C LEU A 111 -9.59 -3.11 -0.24
N THR A 112 -10.74 -3.26 -0.94
CA THR A 112 -11.97 -3.66 -0.27
C THR A 112 -11.81 -5.06 0.29
N LEU A 113 -11.28 -5.99 -0.51
CA LEU A 113 -11.01 -7.34 -0.03
C LEU A 113 -10.02 -7.36 1.16
N SER A 114 -9.00 -6.46 1.12
CA SER A 114 -8.01 -6.30 2.19
C SER A 114 -8.67 -5.85 3.46
N PHE A 115 -9.58 -4.90 3.36
CA PHE A 115 -10.30 -4.41 4.53
C PHE A 115 -11.30 -5.41 5.12
N ILE A 116 -11.86 -6.29 4.26
CA ILE A 116 -12.76 -7.37 4.67
C ILE A 116 -11.91 -8.36 5.47
N ALA A 117 -10.74 -8.78 4.89
CA ALA A 117 -9.83 -9.71 5.53
C ALA A 117 -9.34 -9.15 6.86
N LEU A 118 -9.01 -7.85 6.92
CA LEU A 118 -8.54 -7.20 8.12
C LEU A 118 -9.62 -7.19 9.20
N ASP A 119 -10.86 -6.89 8.83
CA ASP A 119 -12.01 -6.88 9.74
C ASP A 119 -12.22 -8.25 10.34
N ARG A 120 -12.21 -9.28 9.47
CA ARG A 120 -12.37 -10.68 9.88
C ARG A 120 -11.23 -11.15 10.77
N TRP A 121 -10.00 -10.80 10.40
CA TRP A 121 -8.82 -11.16 11.16
C TRP A 121 -8.84 -10.57 12.55
N TYR A 122 -9.14 -9.29 12.70
CA TYR A 122 -9.22 -8.71 14.04
C TYR A 122 -10.45 -9.20 14.77
N ALA A 123 -11.58 -9.45 14.06
CA ALA A 123 -12.81 -9.93 14.69
C ALA A 123 -12.66 -11.35 15.25
N ILE A 124 -11.90 -12.17 14.54
CA ILE A 124 -11.74 -13.58 14.90
C ILE A 124 -10.42 -13.91 15.62
N CYS A 125 -9.31 -13.33 15.21
CA CYS A 125 -8.03 -13.70 15.79
C CYS A 125 -7.51 -12.76 16.85
N HIS A 126 -7.86 -11.47 16.85
CA HIS A 126 -7.39 -10.53 17.88
C HIS A 126 -8.61 -9.68 18.24
N PRO A 127 -9.56 -10.31 19.00
CA PRO A 127 -10.90 -9.74 19.14
C PRO A 127 -11.12 -8.38 19.76
N LEU A 128 -10.56 -8.09 20.94
CA LEU A 128 -10.96 -6.83 21.53
C LEU A 128 -9.99 -5.66 21.39
N LEU A 129 -9.27 -5.63 20.27
CA LEU A 129 -8.37 -4.50 20.05
C LEU A 129 -9.08 -3.35 19.32
N PHE A 130 -9.74 -3.66 18.20
CA PHE A 130 -10.39 -2.63 17.38
C PHE A 130 -11.86 -2.82 17.21
N LYS A 131 -12.60 -1.69 17.25
CA LYS A 131 -14.06 -1.61 17.14
C LYS A 131 -14.46 -1.57 15.69
N SER A 132 -15.30 -2.52 15.27
CA SER A 132 -15.80 -2.63 13.90
C SER A 132 -17.30 -2.27 13.81
N THR A 133 -17.59 -1.04 13.38
CA THR A 133 -18.94 -0.52 13.22
C THR A 133 -19.22 -0.27 11.73
N ALA A 134 -20.51 -0.28 11.33
CA ALA A 134 -20.88 -0.04 9.94
C ALA A 134 -20.59 1.41 9.56
N ARG A 135 -20.60 2.36 10.55
CA ARG A 135 -20.26 3.78 10.33
C ARG A 135 -18.75 3.87 9.94
N ARG A 136 -17.88 3.15 10.70
CA ARG A 136 -16.45 3.06 10.43
C ARG A 136 -16.26 2.41 9.08
N ALA A 137 -17.11 1.41 8.72
CA ALA A 137 -17.04 0.74 7.42
C ALA A 137 -17.34 1.71 6.26
N LEU A 138 -18.33 2.60 6.42
CA LEU A 138 -18.62 3.58 5.38
C LEU A 138 -17.49 4.58 5.26
N GLY A 139 -16.84 4.89 6.38
CA GLY A 139 -15.67 5.77 6.40
C GLY A 139 -14.48 5.16 5.67
N SER A 140 -14.30 3.84 5.86
CA SER A 140 -13.24 3.05 5.22
C SER A 140 -13.51 2.95 3.74
N ILE A 141 -14.78 2.81 3.34
CA ILE A 141 -15.17 2.76 1.92
C ILE A 141 -14.85 4.06 1.22
N LEU A 142 -15.11 5.18 1.90
CA LEU A 142 -14.79 6.51 1.38
C LEU A 142 -13.28 6.64 1.23
N GLY A 143 -12.54 6.15 2.22
CA GLY A 143 -11.09 6.16 2.16
C GLY A 143 -10.53 5.34 1.03
N ILE A 144 -11.16 4.17 0.76
CA ILE A 144 -10.72 3.26 -0.31
C ILE A 144 -10.81 3.95 -1.66
N TRP A 145 -11.94 4.65 -1.89
CA TRP A 145 -12.10 5.40 -3.14
C TRP A 145 -11.15 6.57 -3.21
N ALA A 146 -10.91 7.27 -2.08
CA ALA A 146 -9.98 8.40 -2.04
C ALA A 146 -8.57 7.95 -2.42
N VAL A 147 -8.09 6.85 -1.81
CA VAL A 147 -6.78 6.31 -2.12
C VAL A 147 -6.67 5.82 -3.57
N SER A 148 -7.66 5.01 -4.02
CA SER A 148 -7.68 4.44 -5.35
C SER A 148 -7.66 5.50 -6.42
N LEU A 149 -8.45 6.56 -6.21
CA LEU A 149 -8.53 7.63 -7.19
C LEU A 149 -7.23 8.41 -7.27
N ALA A 150 -6.57 8.60 -6.11
CA ALA A 150 -5.32 9.32 -6.08
C ALA A 150 -4.13 8.57 -6.70
N ILE A 151 -3.89 7.32 -6.25
CA ILE A 151 -2.74 6.48 -6.65
C ILE A 151 -2.77 6.00 -8.14
N MET A 152 -3.89 6.10 -8.83
CA MET A 152 -3.93 5.68 -10.22
C MET A 152 -3.79 6.84 -11.21
N VAL A 153 -3.63 8.07 -10.69
CA VAL A 153 -3.39 9.25 -11.52
C VAL A 153 -2.09 9.06 -12.36
N PRO A 154 -0.96 8.52 -11.83
CA PRO A 154 0.22 8.28 -12.69
C PRO A 154 -0.09 7.46 -13.95
N GLN A 155 -0.97 6.44 -13.82
CA GLN A 155 -1.43 5.56 -14.89
C GLN A 155 -2.15 6.39 -15.92
N ALA A 156 -3.05 7.31 -15.49
CA ALA A 156 -3.76 8.18 -16.41
C ALA A 156 -2.77 9.11 -17.10
N ALA A 157 -1.78 9.64 -16.39
CA ALA A 157 -0.77 10.51 -16.97
C ALA A 157 0.04 9.84 -18.09
N VAL A 158 0.40 8.54 -17.96
CA VAL A 158 1.23 7.86 -18.98
C VAL A 158 0.44 7.41 -20.24
N MET A 159 -0.88 7.29 -20.15
CA MET A 159 -1.67 6.89 -21.31
C MET A 159 -1.61 7.93 -22.43
N GLU A 160 -1.38 7.48 -23.67
CA GLU A 160 -1.34 8.32 -24.86
C GLU A 160 -1.90 7.59 -26.07
N CYS A 161 -2.72 8.30 -26.85
CA CYS A 161 -3.32 7.85 -28.10
C CYS A 161 -2.44 8.32 -29.24
N SER A 162 -2.01 7.38 -30.10
CA SER A 162 -1.10 7.66 -31.21
C SER A 162 -1.38 6.81 -32.46
N SER A 163 -1.35 7.42 -33.67
CA SER A 163 -1.54 6.65 -34.90
C SER A 163 -0.18 6.28 -35.47
N VAL A 164 -0.13 5.14 -36.17
CA VAL A 164 1.05 4.54 -36.81
C VAL A 164 1.85 5.55 -37.64
N LEU A 165 1.14 6.48 -38.28
CA LEU A 165 1.70 7.60 -39.01
C LEU A 165 0.93 8.82 -38.53
N PRO A 166 1.61 9.79 -37.87
CA PRO A 166 0.90 10.91 -37.23
C PRO A 166 -0.05 11.73 -38.10
N GLU A 167 0.27 12.00 -39.38
CA GLU A 167 -0.75 12.75 -40.11
C GLU A 167 -2.01 11.92 -40.39
N LEU A 168 -1.92 10.59 -40.26
CA LEU A 168 -3.07 9.70 -40.46
C LEU A 168 -4.19 9.91 -39.42
N ALA A 169 -3.84 10.30 -38.17
CA ALA A 169 -4.81 10.55 -37.11
C ALA A 169 -5.82 11.63 -37.51
N ALA A 170 -5.43 12.55 -38.40
CA ALA A 170 -6.30 13.60 -38.87
C ALA A 170 -7.43 13.08 -39.75
N ARG A 171 -7.25 11.92 -40.43
CA ARG A 171 -8.28 11.37 -41.33
C ARG A 171 -9.16 10.33 -40.64
N THR A 172 -8.55 9.46 -39.83
CA THR A 172 -9.28 8.38 -39.19
C THR A 172 -8.66 7.98 -37.83
N ARG A 173 -9.50 7.39 -36.97
CA ARG A 173 -9.08 6.88 -35.68
C ARG A 173 -8.75 5.39 -35.83
N ALA A 174 -9.04 4.81 -37.00
CA ALA A 174 -8.84 3.40 -37.31
C ALA A 174 -7.44 2.92 -37.07
N PHE A 175 -6.42 3.80 -37.21
CA PHE A 175 -5.03 3.41 -37.00
C PHE A 175 -4.41 3.98 -35.72
N SER A 176 -5.28 4.52 -34.82
CA SER A 176 -4.90 5.04 -33.50
C SER A 176 -4.74 3.87 -32.50
N VAL A 177 -3.85 4.08 -31.51
CA VAL A 177 -3.52 3.10 -30.50
C VAL A 177 -3.41 3.79 -29.17
N CYS A 178 -4.03 3.21 -28.14
CA CYS A 178 -3.93 3.75 -26.79
C CYS A 178 -2.93 2.94 -26.03
N ASP A 179 -1.82 3.54 -25.61
CA ASP A 179 -0.79 2.85 -24.82
C ASP A 179 -0.01 3.79 -23.89
N GLU A 180 0.78 3.21 -23.00
CA GLU A 180 1.57 3.96 -22.05
C GLU A 180 2.80 4.51 -22.77
N ARG A 181 3.09 5.80 -22.56
CA ARG A 181 4.25 6.49 -23.13
C ARG A 181 5.29 6.70 -22.00
N TRP A 182 6.44 6.00 -22.11
CA TRP A 182 7.52 6.07 -21.12
C TRP A 182 8.74 6.69 -21.73
N ALA A 183 9.24 7.78 -21.11
CA ALA A 183 10.42 8.52 -21.59
C ALA A 183 11.73 7.71 -21.55
N ASP A 184 11.82 6.72 -20.62
CA ASP A 184 13.01 5.90 -20.46
C ASP A 184 12.67 4.43 -20.24
N ASP A 185 13.66 3.56 -20.36
CA ASP A 185 13.52 2.10 -20.24
C ASP A 185 13.27 1.63 -18.80
N LEU A 186 13.81 2.36 -17.80
CA LEU A 186 13.74 2.02 -16.38
C LEU A 186 12.40 2.33 -15.71
N ALA A 187 11.86 3.57 -15.92
CA ALA A 187 10.60 4.06 -15.35
C ALA A 187 9.43 3.03 -15.45
N PRO A 188 9.13 2.46 -16.66
CA PRO A 188 8.06 1.44 -16.72
C PRO A 188 8.33 0.22 -15.87
N LYS A 189 9.61 -0.17 -15.73
CA LYS A 189 10.02 -1.33 -14.93
C LYS A 189 9.71 -1.05 -13.46
N ILE A 190 10.09 0.14 -12.94
CA ILE A 190 9.80 0.50 -11.54
C ILE A 190 8.32 0.66 -11.32
N TYR A 191 7.63 1.32 -12.27
CA TYR A 191 6.20 1.52 -12.15
C TYR A 191 5.40 0.22 -12.12
N HIS A 192 5.67 -0.68 -13.09
CA HIS A 192 4.92 -1.94 -13.16
C HIS A 192 5.31 -2.90 -12.08
N SER A 193 6.54 -2.79 -11.52
CA SER A 193 6.91 -3.61 -10.38
C SER A 193 6.05 -3.18 -9.20
N CYS A 194 5.95 -1.86 -8.96
CA CYS A 194 5.15 -1.33 -7.88
C CYS A 194 3.70 -1.58 -8.08
N PHE A 195 3.22 -1.51 -9.31
CA PHE A 195 1.80 -1.75 -9.59
C PHE A 195 1.43 -3.21 -9.25
N PHE A 196 2.27 -4.15 -9.67
CA PHE A 196 2.05 -5.56 -9.42
C PHE A 196 2.07 -5.89 -7.93
N ILE A 197 3.11 -5.43 -7.19
CA ILE A 197 3.23 -5.69 -5.76
C ILE A 197 2.07 -5.09 -4.96
N VAL A 198 1.85 -3.78 -5.16
CA VAL A 198 0.83 -3.00 -4.40
C VAL A 198 -0.59 -3.48 -4.70
N THR A 199 -0.93 -3.71 -5.97
CA THR A 199 -2.34 -4.07 -6.30
C THR A 199 -2.58 -5.58 -6.40
N TYR A 200 -1.55 -6.42 -6.29
CA TYR A 200 -1.86 -7.86 -6.45
C TYR A 200 -1.11 -8.73 -5.44
N LEU A 201 0.21 -8.78 -5.56
CA LEU A 201 1.00 -9.67 -4.75
C LEU A 201 0.91 -9.44 -3.26
N ALA A 202 1.34 -8.27 -2.78
CA ALA A 202 1.34 -7.98 -1.34
C ALA A 202 -0.05 -8.09 -0.68
N PRO A 203 -1.14 -7.42 -1.17
CA PRO A 203 -2.45 -7.59 -0.52
C PRO A 203 -2.97 -9.02 -0.55
N LEU A 204 -2.76 -9.75 -1.65
CA LEU A 204 -3.23 -11.15 -1.69
C LEU A 204 -2.40 -12.10 -0.80
N GLY A 205 -1.09 -11.88 -0.69
CA GLY A 205 -0.24 -12.66 0.19
C GLY A 205 -0.67 -12.46 1.63
N LEU A 206 -0.84 -11.19 2.01
CA LEU A 206 -1.30 -10.84 3.35
C LEU A 206 -2.70 -11.39 3.65
N MET A 207 -3.65 -11.27 2.68
CA MET A 207 -5.00 -11.81 2.82
C MET A 207 -4.95 -13.33 2.98
N ALA A 208 -4.09 -14.04 2.20
CA ALA A 208 -3.96 -15.50 2.30
C ALA A 208 -3.52 -15.90 3.71
N MET A 209 -2.51 -15.23 4.23
CA MET A 209 -2.03 -15.50 5.57
C MET A 209 -3.08 -15.19 6.63
N ALA A 210 -3.89 -14.13 6.43
CA ALA A 210 -4.96 -13.73 7.34
C ALA A 210 -6.04 -14.77 7.37
N TYR A 211 -6.46 -15.24 6.20
CA TYR A 211 -7.54 -16.24 6.09
C TYR A 211 -7.09 -17.58 6.58
N PHE A 212 -5.80 -17.84 6.51
CA PHE A 212 -5.29 -19.09 7.04
C PHE A 212 -5.40 -19.06 8.56
N GLN A 213 -5.02 -17.93 9.21
CA GLN A 213 -5.11 -17.75 10.65
C GLN A 213 -6.59 -17.81 11.09
N ILE A 214 -7.51 -17.19 10.30
CA ILE A 214 -8.96 -17.19 10.54
C ILE A 214 -9.44 -18.63 10.47
N PHE A 215 -8.94 -19.40 9.49
CA PHE A 215 -9.29 -20.81 9.32
C PHE A 215 -8.85 -21.64 10.52
N ARG A 216 -7.61 -21.44 11.00
CA ARG A 216 -7.10 -22.16 12.16
C ARG A 216 -7.88 -21.82 13.43
N LYS A 217 -8.36 -20.56 13.57
CA LYS A 217 -9.15 -20.19 14.74
C LYS A 217 -10.57 -20.73 14.67
N LEU A 218 -11.21 -20.68 13.49
CA LEU A 218 -12.58 -21.16 13.32
C LEU A 218 -12.73 -22.68 13.25
N TRP A 219 -11.71 -23.37 12.70
CA TRP A 219 -11.73 -24.82 12.56
C TRP A 219 -10.71 -25.50 13.49
N GLY A 220 -10.18 -24.73 14.44
CA GLY A 220 -9.19 -25.23 15.39
C GLY A 220 -9.75 -25.73 16.69
N ARG A 221 -8.84 -25.86 17.68
CA ARG A 221 -9.09 -26.36 19.05
C ARG A 221 -10.25 -25.61 19.71
N GLN A 222 -11.34 -26.32 20.01
CA GLN A 222 -12.50 -25.71 20.64
C GLN A 222 -12.22 -25.49 22.14
N ILE A 223 -12.43 -24.24 22.64
CA ILE A 223 -12.21 -23.88 24.05
C ILE A 223 -13.18 -24.69 24.91
N PRO A 224 -12.68 -25.41 25.95
CA PRO A 224 -13.58 -26.24 26.76
C PRO A 224 -14.78 -25.50 27.33
N GLY A 225 -15.94 -26.16 27.22
CA GLY A 225 -17.23 -25.71 27.71
C GLY A 225 -17.76 -24.40 27.15
N THR A 226 -17.85 -24.28 25.80
CA THR A 226 -18.40 -23.07 25.16
C THR A 226 -19.93 -23.04 25.28
N THR A 227 -20.51 -21.83 25.32
CA THR A 227 -21.95 -21.59 25.43
C THR A 227 -22.64 -21.85 24.09
N SER A 249 -23.99 -21.88 24.12
CA SER A 249 -24.81 -22.07 22.92
C SER A 249 -24.62 -20.91 21.90
N ALA A 261 -24.63 -19.66 22.41
CA ALA A 261 -24.44 -18.43 21.65
C ALA A 261 -23.06 -18.37 20.97
N GLU A 262 -22.02 -18.97 21.60
CA GLU A 262 -20.66 -19.04 21.07
C GLU A 262 -20.55 -20.02 19.89
N VAL A 263 -21.27 -21.17 19.97
CA VAL A 263 -21.26 -22.17 18.90
C VAL A 263 -22.03 -21.62 17.70
N LYS A 264 -23.16 -20.89 17.93
CA LYS A 264 -23.93 -20.25 16.86
C LYS A 264 -23.07 -19.19 16.16
N GLN A 265 -22.31 -18.38 16.95
CA GLN A 265 -21.40 -17.34 16.45
C GLN A 265 -20.36 -17.99 15.55
N MET A 266 -19.81 -19.12 16.00
CA MET A 266 -18.80 -19.85 15.23
C MET A 266 -19.34 -20.39 13.92
N ARG A 267 -20.52 -21.01 13.95
CA ARG A 267 -21.12 -21.59 12.74
C ARG A 267 -21.43 -20.54 11.67
N ALA A 268 -21.99 -19.39 12.09
CA ALA A 268 -22.29 -18.25 11.20
C ALA A 268 -20.99 -17.67 10.59
N ARG A 269 -19.95 -17.50 11.42
CA ARG A 269 -18.64 -17.02 11.02
C ARG A 269 -17.97 -17.99 10.05
N ARG A 270 -18.18 -19.31 10.22
CA ARG A 270 -17.64 -20.34 9.33
C ARG A 270 -18.25 -20.20 7.94
N LYS A 271 -19.57 -19.95 7.87
CA LYS A 271 -20.30 -19.77 6.61
C LYS A 271 -19.72 -18.57 5.81
N THR A 272 -19.62 -17.40 6.47
CA THR A 272 -19.08 -16.20 5.85
C THR A 272 -17.60 -16.35 5.48
N ALA A 273 -16.79 -16.98 6.37
CA ALA A 273 -15.36 -17.19 6.10
C ALA A 273 -15.12 -18.08 4.91
N LYS A 274 -15.89 -19.17 4.77
CA LYS A 274 -15.82 -20.11 3.65
C LYS A 274 -16.02 -19.32 2.34
N MET A 275 -17.08 -18.50 2.30
CA MET A 275 -17.43 -17.66 1.15
C MET A 275 -16.34 -16.67 0.81
N LEU A 276 -15.86 -15.92 1.82
CA LEU A 276 -14.83 -14.92 1.63
C LEU A 276 -13.54 -15.49 1.09
N MET A 277 -13.15 -16.69 1.55
CA MET A 277 -11.94 -17.36 1.05
C MET A 277 -12.14 -17.75 -0.41
N VAL A 278 -13.38 -18.09 -0.82
CA VAL A 278 -13.64 -18.42 -2.21
C VAL A 278 -13.53 -17.15 -3.04
N VAL A 279 -14.10 -16.02 -2.55
CA VAL A 279 -14.04 -14.73 -3.23
C VAL A 279 -12.58 -14.30 -3.45
N VAL A 280 -11.75 -14.44 -2.41
CA VAL A 280 -10.34 -14.07 -2.51
C VAL A 280 -9.62 -14.99 -3.51
N LEU A 281 -9.90 -16.30 -3.46
CA LEU A 281 -9.25 -17.25 -4.36
C LEU A 281 -9.60 -16.98 -5.81
N VAL A 282 -10.88 -16.76 -6.09
CA VAL A 282 -11.37 -16.45 -7.44
C VAL A 282 -10.75 -15.17 -7.97
N PHE A 283 -10.63 -14.15 -7.10
CA PHE A 283 -9.99 -12.88 -7.44
C PHE A 283 -8.53 -13.09 -7.80
N ALA A 284 -7.79 -13.84 -6.98
CA ALA A 284 -6.38 -14.11 -7.25
C ALA A 284 -6.22 -14.86 -8.55
N LEU A 285 -7.16 -15.82 -8.86
CA LEU A 285 -7.11 -16.60 -10.10
C LEU A 285 -7.41 -15.76 -11.31
N CYS A 286 -8.45 -14.91 -11.23
CA CYS A 286 -8.85 -14.05 -12.34
C CYS A 286 -7.76 -13.06 -12.74
N TYR A 287 -7.11 -12.47 -11.72
CA TYR A 287 -6.12 -11.43 -11.91
C TYR A 287 -4.72 -11.93 -12.12
N LEU A 288 -4.45 -13.22 -11.78
CA LEU A 288 -3.12 -13.79 -11.98
C LEU A 288 -2.59 -13.67 -13.45
N PRO A 289 -3.36 -14.11 -14.50
CA PRO A 289 -2.81 -14.07 -15.86
C PRO A 289 -2.39 -12.69 -16.34
N ILE A 290 -3.29 -11.69 -16.22
CA ILE A 290 -2.98 -10.35 -16.68
C ILE A 290 -1.83 -9.72 -15.88
N SER A 291 -1.76 -9.96 -14.52
CA SER A 291 -0.73 -9.41 -13.66
C SER A 291 0.61 -9.96 -14.04
N VAL A 292 0.69 -11.29 -14.20
CA VAL A 292 1.92 -11.97 -14.61
C VAL A 292 2.33 -11.49 -15.99
N LEU A 293 1.38 -11.47 -16.93
CA LEU A 293 1.65 -11.06 -18.30
C LEU A 293 2.20 -9.64 -18.39
N ASN A 294 1.57 -8.68 -17.68
CA ASN A 294 2.02 -7.30 -17.69
C ASN A 294 3.41 -7.18 -17.11
N VAL A 295 3.71 -7.93 -16.03
CA VAL A 295 5.05 -7.91 -15.42
C VAL A 295 6.11 -8.38 -16.39
N LEU A 296 5.85 -9.50 -17.07
CA LEU A 296 6.77 -10.08 -18.02
C LEU A 296 6.96 -9.14 -19.19
N LYS A 297 5.89 -8.41 -19.57
CA LYS A 297 5.96 -7.49 -20.68
C LYS A 297 6.71 -6.21 -20.30
N ARG A 298 6.34 -5.61 -19.18
CA ARG A 298 6.86 -4.32 -18.76
C ARG A 298 8.12 -4.35 -17.97
N VAL A 299 8.31 -5.33 -17.10
CA VAL A 299 9.52 -5.39 -16.31
C VAL A 299 10.60 -6.19 -17.04
N PHE A 300 10.24 -7.31 -17.64
CA PHE A 300 11.19 -8.19 -18.28
C PHE A 300 11.30 -8.05 -19.78
N GLY A 301 10.53 -7.14 -20.38
CA GLY A 301 10.60 -6.85 -21.80
C GLY A 301 10.34 -8.01 -22.75
N MET A 302 9.42 -8.91 -22.33
CA MET A 302 9.05 -10.06 -23.13
C MET A 302 7.98 -9.68 -24.14
N PHE A 303 7.64 -10.62 -25.04
CA PHE A 303 6.58 -10.49 -26.04
C PHE A 303 6.80 -9.35 -27.02
N ARG A 304 8.04 -9.00 -27.30
CA ARG A 304 8.32 -7.95 -28.27
C ARG A 304 8.47 -8.61 -29.63
N GLN A 305 9.11 -9.81 -29.62
CA GLN A 305 9.40 -10.75 -30.71
C GLN A 305 8.18 -10.88 -31.62
N ALA A 306 8.38 -10.68 -32.93
CA ALA A 306 7.31 -10.69 -33.95
C ALA A 306 6.79 -12.08 -34.35
N SER A 307 7.61 -13.11 -34.10
CA SER A 307 7.33 -14.51 -34.44
C SER A 307 6.07 -15.06 -33.76
N ASP A 308 5.82 -14.61 -32.52
CA ASP A 308 4.75 -15.12 -31.68
C ASP A 308 3.62 -14.12 -31.38
N ARG A 309 3.60 -12.97 -32.11
CA ARG A 309 2.60 -11.90 -31.95
C ARG A 309 1.18 -12.44 -31.70
N GLU A 310 0.66 -13.24 -32.65
CA GLU A 310 -0.67 -13.86 -32.64
C GLU A 310 -0.94 -14.54 -31.29
N ALA A 311 -0.06 -15.46 -30.87
CA ALA A 311 -0.18 -16.20 -29.62
C ALA A 311 -0.21 -15.26 -28.42
N VAL A 312 0.71 -14.27 -28.40
CA VAL A 312 0.80 -13.27 -27.34
C VAL A 312 -0.51 -12.52 -27.24
N TYR A 313 -1.00 -12.00 -28.38
CA TYR A 313 -2.25 -11.26 -28.42
C TYR A 313 -3.41 -12.08 -27.93
N ALA A 314 -3.40 -13.39 -28.21
CA ALA A 314 -4.45 -14.27 -27.72
C ALA A 314 -4.42 -14.29 -26.21
N ALA A 315 -3.22 -14.51 -25.63
CA ALA A 315 -2.98 -14.57 -24.19
C ALA A 315 -3.48 -13.31 -23.46
N PHE A 316 -3.11 -12.13 -23.97
CA PHE A 316 -3.52 -10.84 -23.41
C PHE A 316 -4.99 -10.64 -23.52
N THR A 317 -5.55 -11.00 -24.68
CA THR A 317 -6.99 -10.89 -24.90
C THR A 317 -7.79 -11.69 -23.86
N PHE A 318 -7.41 -12.96 -23.66
CA PHE A 318 -8.09 -13.79 -22.72
C PHE A 318 -7.95 -13.21 -21.33
N SER A 319 -6.73 -12.74 -20.99
CA SER A 319 -6.42 -12.17 -19.68
C SER A 319 -7.29 -10.98 -19.36
N HIS A 320 -7.55 -10.15 -20.37
CA HIS A 320 -8.39 -8.96 -20.23
C HIS A 320 -9.79 -9.40 -19.89
N TRP A 321 -10.31 -10.39 -20.60
CA TRP A 321 -11.64 -10.92 -20.36
C TRP A 321 -12.03 -11.43 -18.99
N LEU A 322 -11.15 -12.25 -18.36
CA LEU A 322 -11.42 -12.74 -16.99
C LEU A 322 -11.37 -11.73 -15.80
N VAL A 323 -10.74 -10.57 -16.11
CA VAL A 323 -10.66 -9.42 -15.21
C VAL A 323 -12.15 -9.11 -15.09
N TYR A 324 -12.83 -9.01 -16.24
CA TYR A 324 -14.28 -8.73 -16.32
C TYR A 324 -15.07 -9.92 -15.85
N ALA A 325 -14.58 -11.14 -16.14
CA ALA A 325 -15.24 -12.36 -15.72
C ALA A 325 -15.37 -12.40 -14.20
N ASN A 326 -14.38 -11.86 -13.46
CA ASN A 326 -14.40 -11.81 -12.00
C ASN A 326 -15.60 -11.04 -11.51
N SER A 327 -15.94 -9.90 -12.17
CA SER A 327 -17.10 -9.09 -11.79
C SER A 327 -18.37 -9.88 -11.91
N ALA A 328 -18.47 -10.79 -12.91
CA ALA A 328 -19.62 -11.66 -13.10
C ALA A 328 -19.66 -12.80 -12.04
N ALA A 329 -18.46 -13.28 -11.66
CA ALA A 329 -18.28 -14.40 -10.75
C ALA A 329 -18.64 -14.12 -9.31
N ASN A 330 -18.36 -12.92 -8.80
CA ASN A 330 -18.64 -12.62 -7.40
C ASN A 330 -20.12 -12.80 -6.99
N PRO A 331 -21.14 -12.23 -7.70
CA PRO A 331 -22.54 -12.47 -7.29
C PRO A 331 -22.91 -13.96 -7.31
N ILE A 332 -22.41 -14.73 -8.31
CA ILE A 332 -22.63 -16.17 -8.43
C ILE A 332 -22.10 -16.88 -7.18
N ILE A 333 -20.90 -16.46 -6.71
CA ILE A 333 -20.28 -17.00 -5.50
C ILE A 333 -21.19 -16.79 -4.29
N TYR A 334 -21.73 -15.56 -4.14
CA TYR A 334 -22.62 -15.26 -3.02
C TYR A 334 -23.89 -16.10 -3.09
N ASN A 335 -24.41 -16.33 -4.29
CA ASN A 335 -25.62 -17.13 -4.43
C ASN A 335 -25.43 -18.54 -3.91
N PHE A 336 -24.27 -19.13 -4.17
CA PHE A 336 -24.02 -20.51 -3.77
C PHE A 336 -23.49 -20.67 -2.34
N LEU A 337 -22.91 -19.61 -1.76
CA LEU A 337 -22.30 -19.73 -0.45
C LEU A 337 -22.91 -18.85 0.65
N SER A 338 -23.92 -18.03 0.29
CA SER A 338 -24.63 -17.21 1.26
C SER A 338 -26.11 -17.43 1.11
N GLY A 339 -26.72 -18.05 2.11
CA GLY A 339 -28.15 -18.31 2.13
C GLY A 339 -28.95 -17.02 2.13
N LYS A 340 -28.43 -15.98 2.79
CA LYS A 340 -29.02 -14.65 2.88
C LYS A 340 -29.10 -14.03 1.48
N PHE A 341 -27.94 -13.99 0.77
CA PHE A 341 -27.85 -13.49 -0.59
C PHE A 341 -28.71 -14.31 -1.54
N ARG A 342 -28.69 -15.67 -1.41
CA ARG A 342 -29.50 -16.58 -2.24
C ARG A 342 -30.98 -16.29 -2.11
N GLU A 343 -31.44 -15.99 -0.88
CA GLU A 343 -32.83 -15.66 -0.59
C GLU A 343 -33.26 -14.40 -1.34
N GLN A 344 -32.43 -13.36 -1.29
CA GLN A 344 -32.73 -12.11 -1.96
C GLN A 344 -32.72 -12.26 -3.47
N PHE A 345 -31.77 -13.06 -4.00
CA PHE A 345 -31.67 -13.32 -5.43
C PHE A 345 -32.88 -14.08 -5.90
N LYS A 346 -33.30 -15.14 -5.15
CA LYS A 346 -34.51 -15.93 -5.48
C LYS A 346 -35.73 -15.02 -5.56
N ALA A 347 -35.92 -14.14 -4.54
CA ALA A 347 -37.03 -13.18 -4.48
C ALA A 347 -37.03 -12.22 -5.71
N ALA A 348 -35.85 -11.72 -6.08
CA ALA A 348 -35.69 -10.83 -7.23
C ALA A 348 -36.03 -11.53 -8.53
N PHE A 349 -35.63 -12.81 -8.68
CA PHE A 349 -35.94 -13.58 -9.88
C PHE A 349 -37.41 -13.81 -10.01
N SER A 350 -38.10 -14.09 -8.88
CA SER A 350 -39.56 -14.31 -8.88
C SER A 350 -40.29 -13.04 -9.30
N TRP A 351 -39.85 -11.88 -8.78
CA TRP A 351 -40.42 -10.56 -9.08
C TRP A 351 -40.31 -10.19 -10.54
N TRP A 352 -39.11 -10.36 -11.15
CA TRP A 352 -38.82 -9.97 -12.52
C TRP A 352 -39.11 -11.06 -13.56
N LEU A 353 -39.50 -12.28 -13.13
CA LEU A 353 -39.80 -13.39 -14.04
C LEU A 353 -41.01 -14.22 -13.57
N SER B 3 59.21 0.31 12.70
CA SER B 3 59.85 0.21 14.01
C SER B 3 58.99 0.91 15.10
N GLU B 4 58.98 2.27 15.15
CA GLU B 4 58.15 3.04 16.08
C GLU B 4 56.74 3.08 15.48
N ASP B 5 56.67 3.26 14.13
CA ASP B 5 55.42 3.29 13.34
C ASP B 5 54.72 1.93 13.38
N GLU B 6 55.49 0.82 13.29
CA GLU B 6 55.00 -0.55 13.32
C GLU B 6 54.15 -0.79 14.56
N PHE B 7 54.71 -0.50 15.74
CA PHE B 7 54.01 -0.61 17.02
C PHE B 7 52.83 0.35 17.10
N LEU B 8 53.04 1.60 16.64
CA LEU B 8 52.02 2.63 16.67
C LEU B 8 50.79 2.27 15.87
N ARG B 9 51.00 1.63 14.71
CA ARG B 9 49.89 1.19 13.88
C ARG B 9 49.10 0.08 14.55
N TYR B 10 49.80 -0.86 15.23
CA TYR B 10 49.16 -1.97 15.94
C TYR B 10 48.39 -1.45 17.14
N LEU B 11 48.86 -0.34 17.73
CA LEU B 11 48.16 0.30 18.84
C LEU B 11 46.84 0.90 18.37
N TRP B 12 46.87 1.52 17.16
CA TRP B 12 45.69 2.15 16.58
C TRP B 12 44.65 1.08 16.21
N ARG B 13 45.07 0.08 15.44
CA ARG B 13 44.21 -0.99 14.96
C ARG B 13 43.54 -1.78 16.08
N ASP B 14 44.35 -2.29 17.03
CA ASP B 14 43.95 -3.20 18.11
C ASP B 14 43.42 -2.55 19.37
N TYR B 15 43.50 -1.19 19.51
CA TYR B 15 43.03 -0.51 20.72
C TYR B 15 42.29 0.82 20.51
N LEU B 16 43.02 1.84 19.99
CA LEU B 16 42.53 3.20 19.81
C LEU B 16 41.31 3.32 18.89
N TYR B 17 41.41 2.73 17.72
CA TYR B 17 40.30 2.75 16.80
C TYR B 17 39.05 2.06 17.39
N PRO B 18 39.11 0.79 17.89
CA PRO B 18 37.89 0.17 18.44
C PRO B 18 37.24 0.99 19.55
N LYS B 19 38.07 1.63 20.38
CA LYS B 19 37.61 2.46 21.50
C LYS B 19 36.89 3.69 20.98
N GLN B 20 37.48 4.38 20.02
CA GLN B 20 36.87 5.55 19.44
C GLN B 20 35.59 5.17 18.63
N TYR B 21 35.56 3.98 17.99
CA TYR B 21 34.38 3.46 17.27
C TYR B 21 33.22 3.30 18.27
N ALA B 22 33.46 2.63 19.42
CA ALA B 22 32.46 2.41 20.46
C ALA B 22 32.01 3.72 21.05
N TRP B 23 32.92 4.67 21.22
CA TRP B 23 32.51 5.95 21.78
C TRP B 23 31.55 6.68 20.88
N VAL B 24 31.92 6.83 19.59
CA VAL B 24 31.13 7.53 18.57
C VAL B 24 29.75 6.86 18.40
N LEU B 25 29.73 5.51 18.39
CA LEU B 25 28.53 4.70 18.25
C LEU B 25 27.58 4.91 19.42
N ILE B 26 28.04 4.69 20.65
CA ILE B 26 27.20 4.84 21.84
C ILE B 26 26.72 6.29 21.96
N ALA B 27 27.63 7.24 21.68
CA ALA B 27 27.31 8.65 21.79
C ALA B 27 26.19 9.04 20.81
N ALA B 28 26.34 8.73 19.51
CA ALA B 28 25.35 9.03 18.47
C ALA B 28 23.98 8.42 18.81
N TYR B 29 23.98 7.17 19.29
CA TYR B 29 22.75 6.47 19.68
C TYR B 29 22.10 7.13 20.89
N VAL B 30 22.91 7.52 21.89
CA VAL B 30 22.34 8.15 23.09
C VAL B 30 21.78 9.53 22.77
N ALA B 31 22.54 10.33 21.98
CA ALA B 31 22.15 11.67 21.58
C ALA B 31 20.81 11.61 20.91
N VAL B 32 20.67 10.73 19.88
CA VAL B 32 19.43 10.52 19.11
C VAL B 32 18.28 10.08 20.02
N PHE B 33 18.59 9.20 21.00
CA PHE B 33 17.62 8.70 21.97
C PHE B 33 16.98 9.85 22.74
N VAL B 34 17.81 10.67 23.39
CA VAL B 34 17.39 11.81 24.20
C VAL B 34 16.59 12.83 23.37
N VAL B 35 17.17 13.29 22.25
CA VAL B 35 16.58 14.28 21.36
C VAL B 35 15.19 13.84 20.88
N ALA B 36 15.07 12.57 20.44
CA ALA B 36 13.81 12.05 19.93
C ALA B 36 12.75 11.91 21.02
N LEU B 37 13.15 11.50 22.23
CA LEU B 37 12.19 11.34 23.31
C LEU B 37 11.63 12.68 23.78
N VAL B 38 12.51 13.65 24.04
CA VAL B 38 12.12 14.98 24.48
C VAL B 38 11.30 15.69 23.39
N GLY B 39 11.88 15.81 22.19
CA GLY B 39 11.28 16.45 21.03
C GLY B 39 9.91 15.91 20.66
N ASN B 40 9.79 14.59 20.49
CA ASN B 40 8.50 14.00 20.14
C ASN B 40 7.46 14.15 21.25
N THR B 41 7.90 14.13 22.52
CA THR B 41 6.98 14.37 23.64
C THR B 41 6.46 15.80 23.54
N LEU B 42 7.35 16.74 23.17
CA LEU B 42 7.01 18.15 22.96
C LEU B 42 6.03 18.34 21.80
N VAL B 43 6.09 17.47 20.77
CA VAL B 43 5.18 17.54 19.64
C VAL B 43 3.77 17.20 20.12
N CYS B 44 3.64 16.14 20.95
CA CYS B 44 2.34 15.74 21.51
C CYS B 44 1.80 16.80 22.45
N LEU B 45 2.66 17.33 23.32
CA LEU B 45 2.26 18.33 24.32
C LEU B 45 1.93 19.67 23.71
N ALA B 46 2.59 20.01 22.58
CA ALA B 46 2.32 21.24 21.83
C ALA B 46 0.90 21.16 21.25
N VAL B 47 0.58 20.08 20.50
CA VAL B 47 -0.76 19.89 19.93
C VAL B 47 -1.81 19.81 21.02
N TRP B 48 -1.48 19.25 22.19
CA TRP B 48 -2.42 19.21 23.33
C TRP B 48 -2.67 20.62 23.88
N ARG B 49 -1.58 21.41 24.09
CA ARG B 49 -1.61 22.74 24.66
C ARG B 49 -2.36 23.77 23.81
N ASN B 50 -2.02 23.87 22.51
CA ASN B 50 -2.62 24.83 21.59
C ASN B 50 -3.77 24.21 20.81
N HIS B 51 -4.99 24.68 21.06
CA HIS B 51 -6.17 24.17 20.35
C HIS B 51 -6.22 24.65 18.90
N HIS B 52 -5.53 25.76 18.57
CA HIS B 52 -5.49 26.28 17.21
C HIS B 52 -4.62 25.40 16.28
N MET B 53 -3.73 24.59 16.88
CA MET B 53 -2.85 23.67 16.15
C MET B 53 -3.47 22.29 15.93
N ARG B 54 -4.69 22.03 16.44
CA ARG B 54 -5.35 20.73 16.29
C ARG B 54 -5.96 20.56 14.90
N THR B 55 -5.10 20.55 13.88
CA THR B 55 -5.45 20.39 12.46
C THR B 55 -5.29 18.93 12.06
N VAL B 56 -5.82 18.55 10.87
CA VAL B 56 -5.72 17.19 10.33
C VAL B 56 -4.24 16.78 10.17
N THR B 57 -3.42 17.66 9.58
CA THR B 57 -1.98 17.44 9.39
C THR B 57 -1.26 17.24 10.72
N ASN B 58 -1.49 18.13 11.70
CA ASN B 58 -0.86 18.07 13.01
C ASN B 58 -1.28 16.86 13.80
N TYR B 59 -2.52 16.37 13.62
CA TYR B 59 -2.97 15.15 14.27
C TYR B 59 -2.16 13.97 13.73
N PHE B 60 -1.95 13.93 12.41
CA PHE B 60 -1.13 12.90 11.80
C PHE B 60 0.32 13.05 12.30
N LEU B 61 0.84 14.29 12.39
CA LEU B 61 2.19 14.52 12.89
C LEU B 61 2.52 14.03 14.30
N VAL B 62 1.50 14.05 15.21
CA VAL B 62 1.66 13.44 16.55
C VAL B 62 1.59 11.91 16.47
N ASN B 63 0.85 11.39 15.46
CA ASN B 63 0.75 9.97 15.23
C ASN B 63 2.14 9.56 14.82
N LEU B 64 2.77 10.37 13.93
CA LEU B 64 4.15 10.16 13.49
C LEU B 64 5.09 10.24 14.68
N SER B 65 4.83 11.17 15.61
CA SER B 65 5.64 11.25 16.82
C SER B 65 5.44 10.07 17.78
N LEU B 66 4.22 9.46 17.79
CA LEU B 66 3.92 8.26 18.58
C LEU B 66 4.69 7.06 18.01
N ALA B 67 4.66 6.88 16.66
CA ALA B 67 5.39 5.81 16.00
C ALA B 67 6.87 5.95 16.26
N ASP B 68 7.38 7.20 16.15
CA ASP B 68 8.79 7.52 16.41
C ASP B 68 9.21 7.26 17.87
N VAL B 69 8.32 7.58 18.84
CA VAL B 69 8.58 7.33 20.26
C VAL B 69 8.61 5.83 20.53
N LEU B 70 7.74 5.04 19.85
CA LEU B 70 7.71 3.58 20.00
C LEU B 70 9.06 3.02 19.61
N ALA B 71 9.55 3.38 18.43
CA ALA B 71 10.82 2.90 17.95
C ALA B 71 11.98 3.40 18.81
N THR B 72 11.93 4.65 19.27
CA THR B 72 13.01 5.22 20.10
C THR B 72 13.09 4.59 21.48
N ALA B 73 11.95 4.46 22.16
CA ALA B 73 11.91 3.89 23.50
C ALA B 73 12.34 2.42 23.57
N ILE B 74 11.81 1.59 22.67
CA ILE B 74 12.03 0.15 22.69
C ILE B 74 13.08 -0.32 21.68
N CYS B 75 12.95 0.01 20.41
CA CYS B 75 13.85 -0.57 19.41
C CYS B 75 15.25 -0.03 19.43
N LEU B 76 15.43 1.30 19.58
CA LEU B 76 16.75 1.96 19.59
C LEU B 76 17.71 1.35 20.62
N PRO B 77 17.34 1.22 21.92
CA PRO B 77 18.29 0.61 22.89
C PRO B 77 18.76 -0.77 22.44
N ALA B 78 17.81 -1.63 22.03
CA ALA B 78 18.06 -2.99 21.54
C ALA B 78 18.96 -2.96 20.32
N SER B 79 18.71 -2.05 19.38
CA SER B 79 19.51 -1.93 18.18
C SER B 79 20.89 -1.50 18.50
N LEU B 80 21.07 -0.62 19.50
CA LEU B 80 22.42 -0.19 19.88
C LEU B 80 23.24 -1.38 20.38
N LEU B 81 22.62 -2.19 21.21
CA LEU B 81 23.23 -3.38 21.79
C LEU B 81 23.58 -4.44 20.74
N VAL B 82 22.73 -4.61 19.72
CA VAL B 82 22.98 -5.54 18.62
C VAL B 82 24.14 -5.01 17.81
N ASP B 83 24.15 -3.70 17.53
CA ASP B 83 25.22 -3.11 16.74
C ASP B 83 26.59 -3.08 17.47
N ILE B 84 26.59 -3.17 18.83
CA ILE B 84 27.81 -3.23 19.63
C ILE B 84 28.30 -4.67 19.68
N THR B 85 27.43 -5.59 20.13
CA THR B 85 27.76 -6.97 20.40
C THR B 85 27.56 -7.93 19.20
N GLU B 86 26.75 -7.57 18.19
CA GLU B 86 26.36 -8.44 17.06
C GLU B 86 25.78 -9.77 17.60
N SER B 87 25.08 -9.68 18.76
CA SER B 87 24.41 -10.79 19.44
C SER B 87 23.13 -10.33 20.18
N TRP B 88 22.21 -11.28 20.35
CA TRP B 88 20.91 -11.03 20.93
C TRP B 88 20.86 -11.43 22.39
N LEU B 89 20.73 -10.44 23.26
CA LEU B 89 20.77 -10.68 24.69
C LEU B 89 19.41 -10.54 25.41
N PHE B 90 18.31 -10.46 24.66
CA PHE B 90 16.99 -10.24 25.25
C PHE B 90 16.00 -11.43 25.21
N GLY B 91 16.45 -12.61 24.80
CA GLY B 91 15.58 -13.77 24.79
C GLY B 91 14.72 -13.95 23.56
N HIS B 92 14.08 -15.12 23.45
CA HIS B 92 13.29 -15.53 22.29
C HIS B 92 12.12 -14.62 21.99
N ALA B 93 11.32 -14.28 23.02
CA ALA B 93 10.13 -13.44 22.89
C ALA B 93 10.44 -12.07 22.39
N LEU B 94 11.41 -11.38 22.98
CA LEU B 94 11.80 -10.05 22.52
C LEU B 94 12.44 -10.07 21.13
N CYS B 95 13.01 -11.22 20.73
CA CYS B 95 13.58 -11.42 19.41
C CYS B 95 12.45 -11.30 18.38
N LYS B 96 11.24 -11.70 18.77
CA LYS B 96 10.12 -11.56 17.86
C LYS B 96 9.50 -10.18 18.02
N VAL B 97 9.38 -9.68 19.27
CA VAL B 97 8.72 -8.42 19.60
C VAL B 97 9.44 -7.18 19.11
N ILE B 98 10.71 -6.96 19.49
CA ILE B 98 11.46 -5.75 19.12
C ILE B 98 11.54 -5.58 17.57
N PRO B 99 12.02 -6.56 16.76
CA PRO B 99 11.98 -6.38 15.31
C PRO B 99 10.55 -6.16 14.81
N TYR B 100 9.55 -6.82 15.45
CA TYR B 100 8.15 -6.63 15.07
C TYR B 100 7.73 -5.16 15.28
N LEU B 101 8.02 -4.61 16.49
CA LEU B 101 7.68 -3.23 16.77
C LEU B 101 8.38 -2.24 15.85
N GLN B 102 9.63 -2.53 15.45
CA GLN B 102 10.34 -1.69 14.50
C GLN B 102 9.67 -1.71 13.15
N ALA B 103 9.24 -2.90 12.70
CA ALA B 103 8.52 -3.04 11.44
C ALA B 103 7.18 -2.26 11.47
N VAL B 104 6.46 -2.33 12.63
CA VAL B 104 5.20 -1.63 12.86
C VAL B 104 5.43 -0.15 12.86
N SER B 105 6.47 0.31 13.56
CA SER B 105 6.80 1.72 13.59
C SER B 105 7.06 2.30 12.19
N VAL B 106 7.77 1.53 11.33
CA VAL B 106 8.05 1.94 9.95
C VAL B 106 6.79 2.08 9.13
N SER B 107 5.90 1.09 9.23
CA SER B 107 4.61 1.05 8.54
C SER B 107 3.73 2.23 8.98
N VAL B 108 3.63 2.45 10.32
CA VAL B 108 2.85 3.56 10.86
C VAL B 108 3.39 4.88 10.31
N ALA B 109 4.72 5.11 10.39
CA ALA B 109 5.31 6.34 9.91
C ALA B 109 5.03 6.59 8.41
N VAL B 110 5.31 5.61 7.53
CA VAL B 110 5.12 5.79 6.08
C VAL B 110 3.64 5.96 5.71
N LEU B 111 2.74 5.26 6.40
CA LEU B 111 1.34 5.40 6.10
C LEU B 111 0.81 6.73 6.63
N THR B 112 1.35 7.23 7.76
CA THR B 112 0.91 8.52 8.29
C THR B 112 1.36 9.60 7.32
N LEU B 113 2.60 9.54 6.82
CA LEU B 113 3.06 10.52 5.83
C LEU B 113 2.22 10.45 4.52
N SER B 114 1.82 9.21 4.11
CA SER B 114 0.97 8.97 2.93
C SER B 114 -0.37 9.62 3.11
N PHE B 115 -0.98 9.49 4.29
CA PHE B 115 -2.26 10.10 4.57
C PHE B 115 -2.20 11.61 4.67
N ILE B 116 -1.05 12.17 5.11
CA ILE B 116 -0.83 13.61 5.18
C ILE B 116 -0.78 14.12 3.74
N ALA B 117 0.03 13.45 2.88
CA ALA B 117 0.18 13.81 1.46
C ALA B 117 -1.13 13.71 0.75
N LEU B 118 -1.91 12.66 1.02
CA LEU B 118 -3.22 12.46 0.40
C LEU B 118 -4.21 13.57 0.80
N ASP B 119 -4.23 13.94 2.10
CA ASP B 119 -5.08 15.01 2.62
C ASP B 119 -4.74 16.32 1.94
N ARG B 120 -3.44 16.63 1.86
CA ARG B 120 -2.93 17.85 1.22
C ARG B 120 -3.22 17.86 -0.28
N TRP B 121 -3.01 16.73 -0.94
CA TRP B 121 -3.28 16.62 -2.35
C TRP B 121 -4.75 16.85 -2.71
N TYR B 122 -5.66 16.25 -1.97
CA TYR B 122 -7.07 16.47 -2.24
C TYR B 122 -7.48 17.86 -1.78
N ALA B 123 -6.88 18.38 -0.68
CA ALA B 123 -7.23 19.71 -0.19
C ALA B 123 -6.80 20.83 -1.14
N ILE B 124 -5.65 20.62 -1.81
CA ILE B 124 -5.07 21.62 -2.69
C ILE B 124 -5.32 21.38 -4.18
N CYS B 125 -5.24 20.16 -4.65
CA CYS B 125 -5.34 19.89 -6.08
C CYS B 125 -6.70 19.42 -6.55
N HIS B 126 -7.50 18.75 -5.71
CA HIS B 126 -8.85 18.28 -6.12
C HIS B 126 -9.75 18.59 -4.94
N PRO B 127 -10.08 19.91 -4.77
CA PRO B 127 -10.67 20.39 -3.52
C PRO B 127 -12.01 19.86 -3.06
N LEU B 128 -13.04 19.86 -3.87
CA LEU B 128 -14.32 19.51 -3.27
C LEU B 128 -14.79 18.06 -3.50
N LEU B 129 -13.87 17.13 -3.61
CA LEU B 129 -14.30 15.75 -3.76
C LEU B 129 -14.48 15.08 -2.39
N PHE B 130 -13.46 15.18 -1.50
CA PHE B 130 -13.51 14.53 -0.22
C PHE B 130 -13.40 15.46 0.97
N LYS B 131 -14.21 15.16 2.01
CA LYS B 131 -14.30 15.88 3.27
C LYS B 131 -13.33 15.21 4.21
N SER B 132 -12.40 15.99 4.74
CA SER B 132 -11.41 15.55 5.73
C SER B 132 -11.63 16.36 7.03
N THR B 133 -12.08 15.65 8.08
CA THR B 133 -12.39 16.26 9.38
C THR B 133 -11.37 15.68 10.35
N ALA B 134 -11.16 16.37 11.50
CA ALA B 134 -10.25 15.87 12.52
C ALA B 134 -10.76 14.56 13.14
N ARG B 135 -12.10 14.36 13.18
CA ARG B 135 -12.73 13.11 13.64
C ARG B 135 -12.39 11.98 12.67
N ARG B 136 -12.43 12.28 11.35
CA ARG B 136 -12.05 11.38 10.26
C ARG B 136 -10.55 11.10 10.36
N ALA B 137 -9.75 12.11 10.78
CA ALA B 137 -8.30 11.95 10.97
C ALA B 137 -8.00 10.98 12.11
N LEU B 138 -8.75 11.05 13.22
CA LEU B 138 -8.55 10.11 14.32
C LEU B 138 -8.94 8.71 13.91
N GLY B 139 -9.96 8.60 13.07
CA GLY B 139 -10.40 7.32 12.52
C GLY B 139 -9.33 6.70 11.63
N SER B 140 -8.68 7.56 10.80
CA SER B 140 -7.59 7.17 9.89
C SER B 140 -6.37 6.74 10.70
N ILE B 141 -6.10 7.42 11.81
CA ILE B 141 -4.98 7.09 12.69
C ILE B 141 -5.06 5.69 13.31
N LEU B 142 -6.26 5.31 13.77
CA LEU B 142 -6.51 3.98 14.31
C LEU B 142 -6.46 2.93 13.21
N GLY B 143 -6.89 3.33 12.02
CA GLY B 143 -6.83 2.47 10.84
C GLY B 143 -5.39 2.17 10.53
N ILE B 144 -4.52 3.22 10.63
CA ILE B 144 -3.08 3.12 10.35
C ILE B 144 -2.45 2.11 11.31
N TRP B 145 -2.79 2.22 12.60
CA TRP B 145 -2.26 1.27 13.57
C TRP B 145 -2.82 -0.12 13.35
N ALA B 146 -4.11 -0.24 12.98
CA ALA B 146 -4.73 -1.53 12.72
C ALA B 146 -4.03 -2.25 11.56
N VAL B 147 -3.83 -1.54 10.45
CA VAL B 147 -3.12 -2.09 9.30
C VAL B 147 -1.65 -2.45 9.63
N SER B 148 -0.90 -1.52 10.26
CA SER B 148 0.50 -1.70 10.59
C SER B 148 0.68 -2.90 11.48
N LEU B 149 -0.18 -3.03 12.48
CA LEU B 149 -0.07 -4.14 13.42
C LEU B 149 -0.35 -5.48 12.74
N ALA B 150 -1.31 -5.49 11.80
CA ALA B 150 -1.66 -6.71 11.09
C ALA B 150 -0.62 -7.16 10.10
N ILE B 151 -0.18 -6.27 9.17
CA ILE B 151 0.74 -6.59 8.07
C ILE B 151 2.21 -6.92 8.52
N MET B 152 2.59 -6.61 9.76
CA MET B 152 3.94 -6.90 10.22
C MET B 152 4.03 -8.20 11.02
N VAL B 153 2.89 -8.88 11.22
CA VAL B 153 2.83 -10.18 11.89
C VAL B 153 3.74 -11.20 11.15
N PRO B 154 3.76 -11.28 9.77
CA PRO B 154 4.70 -12.21 9.10
C PRO B 154 6.15 -12.03 9.56
N GLN B 155 6.53 -10.73 9.78
CA GLN B 155 7.84 -10.30 10.22
C GLN B 155 8.16 -10.92 11.57
N ALA B 156 7.17 -10.85 12.50
CA ALA B 156 7.29 -11.42 13.83
C ALA B 156 7.36 -12.93 13.74
N ALA B 157 6.57 -13.57 12.85
CA ALA B 157 6.58 -15.01 12.66
C ALA B 157 7.96 -15.56 12.23
N VAL B 158 8.69 -14.86 11.32
CA VAL B 158 10.00 -15.34 10.82
C VAL B 158 11.17 -15.13 11.78
N MET B 159 11.06 -14.20 12.75
CA MET B 159 12.14 -13.97 13.71
C MET B 159 12.38 -15.18 14.59
N GLU B 160 13.66 -15.57 14.75
CA GLU B 160 14.09 -16.70 15.60
C GLU B 160 15.41 -16.39 16.25
N CYS B 161 15.45 -16.66 17.56
CA CYS B 161 16.58 -16.47 18.45
C CYS B 161 17.21 -17.83 18.70
N SER B 162 18.44 -18.02 18.22
CA SER B 162 19.15 -19.30 18.40
C SER B 162 20.62 -19.13 18.78
N SER B 163 21.12 -20.03 19.62
CA SER B 163 22.55 -20.01 19.99
C SER B 163 23.23 -21.05 19.12
N PHE B 175 26.37 -17.25 23.18
CA PHE B 175 25.82 -16.04 22.52
C PHE B 175 24.52 -16.38 21.75
N SER B 176 23.49 -15.55 21.86
CA SER B 176 22.31 -15.87 21.06
C SER B 176 22.27 -14.95 19.83
N VAL B 177 21.57 -15.34 18.79
CA VAL B 177 21.45 -14.53 17.59
C VAL B 177 20.00 -14.43 17.19
N CYS B 178 19.53 -13.19 16.95
CA CYS B 178 18.17 -12.97 16.50
C CYS B 178 18.19 -12.70 15.03
N ASP B 179 17.57 -13.60 14.24
CA ASP B 179 17.48 -13.39 12.79
C ASP B 179 16.22 -14.04 12.17
N GLU B 180 15.95 -13.73 10.93
CA GLU B 180 14.82 -14.28 10.22
C GLU B 180 15.16 -15.69 9.78
N ARG B 181 14.25 -16.64 10.01
CA ARG B 181 14.38 -18.05 9.63
C ARG B 181 13.51 -18.31 8.41
N TRP B 182 14.14 -18.59 7.25
CA TRP B 182 13.44 -18.82 5.99
C TRP B 182 13.66 -20.23 5.53
N ALA B 183 12.55 -20.98 5.33
CA ALA B 183 12.55 -22.38 4.91
C ALA B 183 13.13 -22.63 3.50
N ASP B 184 13.02 -21.62 2.61
CA ASP B 184 13.53 -21.72 1.24
C ASP B 184 14.21 -20.43 0.80
N ASP B 185 14.95 -20.50 -0.32
CA ASP B 185 15.72 -19.38 -0.85
C ASP B 185 14.86 -18.29 -1.50
N LEU B 186 13.69 -18.65 -2.05
CA LEU B 186 12.78 -17.75 -2.74
C LEU B 186 11.95 -16.86 -1.84
N ALA B 187 11.30 -17.44 -0.81
CA ALA B 187 10.42 -16.75 0.16
C ALA B 187 11.02 -15.43 0.69
N PRO B 188 12.27 -15.40 1.23
CA PRO B 188 12.84 -14.13 1.68
C PRO B 188 12.94 -13.08 0.57
N LYS B 189 13.22 -13.52 -0.68
CA LYS B 189 13.34 -12.64 -1.82
C LYS B 189 12.01 -11.99 -2.13
N ILE B 190 10.90 -12.79 -2.17
CA ILE B 190 9.56 -12.25 -2.42
C ILE B 190 9.09 -11.38 -1.25
N TYR B 191 9.34 -11.84 -0.01
CA TYR B 191 8.97 -11.07 1.16
C TYR B 191 9.66 -9.70 1.23
N HIS B 192 11.00 -9.67 1.07
CA HIS B 192 11.75 -8.41 1.15
C HIS B 192 11.53 -7.53 -0.03
N SER B 193 11.17 -8.08 -1.21
CA SER B 193 10.80 -7.27 -2.35
C SER B 193 9.53 -6.53 -2.00
N CYS B 194 8.52 -7.25 -1.48
CA CYS B 194 7.24 -6.65 -1.10
C CYS B 194 7.41 -5.69 0.04
N PHE B 195 8.28 -6.00 1.02
CA PHE B 195 8.49 -5.11 2.13
C PHE B 195 9.08 -3.77 1.65
N PHE B 196 10.06 -3.82 0.75
CA PHE B 196 10.71 -2.63 0.24
C PHE B 196 9.75 -1.78 -0.56
N ILE B 197 8.99 -2.39 -1.50
CA ILE B 197 8.03 -1.66 -2.33
C ILE B 197 6.91 -1.01 -1.49
N VAL B 198 6.29 -1.82 -0.63
CA VAL B 198 5.16 -1.39 0.24
C VAL B 198 5.59 -0.32 1.25
N THR B 199 6.75 -0.47 1.90
CA THR B 199 7.10 0.49 2.96
C THR B 199 8.04 1.61 2.53
N TYR B 200 8.72 1.51 1.39
CA TYR B 200 9.62 2.66 1.08
C TYR B 200 9.42 3.20 -0.34
N LEU B 201 9.43 2.32 -1.33
CA LEU B 201 9.41 2.79 -2.70
C LEU B 201 8.06 3.33 -3.18
N ALA B 202 7.01 2.51 -3.22
CA ALA B 202 5.71 2.95 -3.71
C ALA B 202 5.11 4.14 -2.93
N PRO B 203 5.01 4.13 -1.56
CA PRO B 203 4.46 5.31 -0.88
C PRO B 203 5.30 6.57 -1.09
N LEU B 204 6.63 6.45 -1.11
CA LEU B 204 7.44 7.65 -1.32
C LEU B 204 7.39 8.18 -2.78
N GLY B 205 7.29 7.29 -3.76
CA GLY B 205 7.15 7.68 -5.15
C GLY B 205 5.85 8.44 -5.32
N LEU B 206 4.75 7.87 -4.78
CA LEU B 206 3.41 8.48 -4.83
C LEU B 206 3.39 9.81 -4.09
N MET B 207 4.02 9.88 -2.88
CA MET B 207 4.10 11.12 -2.10
C MET B 207 4.89 12.18 -2.87
N ALA B 208 6.02 11.81 -3.52
CA ALA B 208 6.81 12.75 -4.29
C ALA B 208 5.99 13.35 -5.41
N MET B 209 5.27 12.52 -6.15
CA MET B 209 4.43 13.01 -7.23
C MET B 209 3.28 13.90 -6.72
N ALA B 210 2.73 13.59 -5.53
CA ALA B 210 1.66 14.36 -4.91
C ALA B 210 2.16 15.70 -4.48
N TYR B 211 3.34 15.76 -3.85
CA TYR B 211 3.91 17.02 -3.38
C TYR B 211 4.39 17.88 -4.51
N PHE B 212 4.73 17.25 -5.63
CA PHE B 212 5.13 18.01 -6.79
C PHE B 212 3.89 18.73 -7.35
N GLN B 213 2.75 18.04 -7.44
CA GLN B 213 1.49 18.61 -7.91
C GLN B 213 1.03 19.71 -6.95
N ILE B 214 1.18 19.50 -5.62
CA ILE B 214 0.84 20.46 -4.57
C ILE B 214 1.71 21.70 -4.78
N PHE B 215 3.01 21.49 -5.07
CA PHE B 215 3.97 22.57 -5.33
C PHE B 215 3.57 23.39 -6.56
N ARG B 216 3.18 22.72 -7.66
CA ARG B 216 2.75 23.39 -8.87
C ARG B 216 1.46 24.18 -8.64
N LYS B 217 0.54 23.70 -7.79
CA LYS B 217 -0.70 24.44 -7.51
C LYS B 217 -0.45 25.62 -6.57
N LEU B 218 0.39 25.44 -5.54
CA LEU B 218 0.67 26.52 -4.58
C LEU B 218 1.64 27.59 -5.08
N TRP B 219 2.58 27.22 -5.97
CA TRP B 219 3.55 28.14 -6.53
C TRP B 219 3.31 28.37 -8.03
N GLN B 222 -0.41 31.37 -11.28
CA GLN B 222 0.25 31.83 -10.04
C GLN B 222 -0.81 32.14 -8.98
N ILE B 223 -1.63 33.18 -9.23
CA ILE B 223 -2.71 33.61 -8.31
C ILE B 223 -3.72 34.39 -9.14
N PRO B 224 -4.17 33.85 -10.29
CA PRO B 224 -5.10 34.54 -11.19
C PRO B 224 -6.31 35.16 -10.49
N GLY B 225 -7.19 34.33 -9.92
CA GLY B 225 -8.40 34.87 -9.26
C GLY B 225 -8.11 35.17 -7.80
N THR B 226 -7.26 36.16 -7.54
CA THR B 226 -6.87 36.55 -6.16
C THR B 226 -8.10 36.95 -5.35
N THR B 227 -8.17 36.45 -4.11
CA THR B 227 -9.26 36.80 -3.15
C THR B 227 -8.64 37.55 -1.96
N SER B 249 -9.46 38.01 -1.03
CA SER B 249 -8.89 38.69 0.14
C SER B 249 -8.17 37.64 1.00
N ALA B 261 -8.94 36.71 1.59
CA ALA B 261 -8.42 35.65 2.43
C ALA B 261 -7.69 34.57 1.65
N GLU B 262 -7.72 34.61 0.31
CA GLU B 262 -6.99 33.59 -0.51
C GLU B 262 -5.49 33.89 -0.58
N VAL B 263 -5.09 35.12 -0.22
CA VAL B 263 -3.63 35.45 -0.18
C VAL B 263 -3.11 35.06 1.20
N LYS B 264 -4.02 34.73 2.11
CA LYS B 264 -3.67 34.27 3.46
C LYS B 264 -3.71 32.73 3.52
N GLN B 265 -4.77 32.11 2.92
CA GLN B 265 -4.91 30.65 2.85
C GLN B 265 -3.74 30.06 2.10
N MET B 266 -3.35 30.68 0.98
CA MET B 266 -2.23 30.22 0.19
C MET B 266 -0.91 30.31 0.93
N ARG B 267 -0.65 31.44 1.61
CA ARG B 267 0.60 31.63 2.37
C ARG B 267 0.76 30.62 3.49
N ALA B 268 -0.32 30.37 4.27
CA ALA B 268 -0.33 29.39 5.37
C ALA B 268 -0.09 27.97 4.82
N ARG B 269 -0.77 27.62 3.70
CA ARG B 269 -0.61 26.33 3.02
C ARG B 269 0.80 26.16 2.49
N ARG B 270 1.44 27.24 2.01
CA ARG B 270 2.82 27.22 1.52
C ARG B 270 3.78 26.88 2.66
N LYS B 271 3.56 27.47 3.86
CA LYS B 271 4.38 27.23 5.05
C LYS B 271 4.34 25.74 5.44
N THR B 272 3.12 25.16 5.59
CA THR B 272 2.93 23.77 5.94
C THR B 272 3.46 22.84 4.84
N ALA B 273 3.22 23.17 3.55
CA ALA B 273 3.68 22.35 2.42
C ALA B 273 5.20 22.28 2.35
N LYS B 274 5.89 23.42 2.56
CA LYS B 274 7.35 23.52 2.57
C LYS B 274 7.89 22.56 3.63
N MET B 275 7.32 22.63 4.86
CA MET B 275 7.70 21.77 5.99
C MET B 275 7.47 20.30 5.69
N LEU B 276 6.27 19.95 5.18
CA LEU B 276 5.92 18.57 4.89
C LEU B 276 6.82 17.97 3.83
N MET B 277 7.22 18.74 2.83
CA MET B 277 8.14 18.26 1.79
C MET B 277 9.50 18.01 2.39
N VAL B 278 9.90 18.81 3.40
CA VAL B 278 11.18 18.58 4.06
C VAL B 278 11.10 17.28 4.88
N VAL B 279 9.97 17.08 5.60
CA VAL B 279 9.75 15.87 6.40
C VAL B 279 9.80 14.63 5.50
N VAL B 280 9.16 14.69 4.33
CA VAL B 280 9.15 13.56 3.40
C VAL B 280 10.55 13.32 2.85
N LEU B 281 11.27 14.38 2.49
CA LEU B 281 12.61 14.25 1.95
C LEU B 281 13.58 13.64 2.97
N VAL B 282 13.55 14.13 4.21
CA VAL B 282 14.39 13.64 5.29
C VAL B 282 14.10 12.17 5.56
N PHE B 283 12.81 11.78 5.55
CA PHE B 283 12.36 10.40 5.73
C PHE B 283 12.93 9.51 4.64
N ALA B 284 12.81 9.93 3.38
CA ALA B 284 13.32 9.15 2.25
C ALA B 284 14.82 8.99 2.34
N LEU B 285 15.54 10.05 2.79
CA LEU B 285 17.00 10.01 2.95
C LEU B 285 17.43 9.11 4.07
N CYS B 286 16.76 9.20 5.22
CA CYS B 286 17.06 8.39 6.41
C CYS B 286 16.89 6.91 6.15
N TYR B 287 15.79 6.56 5.45
CA TYR B 287 15.41 5.19 5.20
C TYR B 287 16.04 4.59 3.98
N LEU B 288 16.59 5.41 3.06
CA LEU B 288 17.24 4.89 1.85
C LEU B 288 18.38 3.87 2.14
N PRO B 289 19.40 4.15 3.01
CA PRO B 289 20.49 3.20 3.19
C PRO B 289 20.06 1.83 3.67
N ILE B 290 19.27 1.78 4.76
CA ILE B 290 18.84 0.51 5.32
C ILE B 290 17.96 -0.27 4.32
N SER B 291 17.06 0.43 3.56
CA SER B 291 16.15 -0.19 2.59
C SER B 291 16.92 -0.81 1.47
N VAL B 292 17.89 -0.07 0.92
CA VAL B 292 18.76 -0.55 -0.14
C VAL B 292 19.59 -1.71 0.38
N LEU B 293 20.20 -1.56 1.57
CA LEU B 293 21.04 -2.59 2.16
C LEU B 293 20.30 -3.89 2.36
N ASN B 294 19.07 -3.83 2.92
CA ASN B 294 18.29 -5.03 3.17
C ASN B 294 17.92 -5.71 1.86
N VAL B 295 17.61 -4.92 0.81
CA VAL B 295 17.28 -5.48 -0.52
C VAL B 295 18.46 -6.24 -1.10
N LEU B 296 19.64 -5.65 -1.05
CA LEU B 296 20.87 -6.27 -1.54
C LEU B 296 21.18 -7.52 -0.76
N LYS B 297 20.89 -7.50 0.53
CA LYS B 297 21.17 -8.64 1.41
C LYS B 297 20.16 -9.78 1.16
N ARG B 298 18.87 -9.43 1.17
CA ARG B 298 17.79 -10.41 1.11
C ARG B 298 17.35 -10.82 -0.25
N VAL B 299 17.33 -9.90 -1.21
CA VAL B 299 16.89 -10.25 -2.55
C VAL B 299 18.07 -10.73 -3.40
N PHE B 300 19.22 -10.05 -3.29
CA PHE B 300 20.39 -10.35 -4.09
C PHE B 300 21.44 -11.18 -3.41
N GLY B 301 21.24 -11.55 -2.16
CA GLY B 301 22.17 -12.43 -1.43
C GLY B 301 23.59 -11.92 -1.26
N MET B 302 23.74 -10.60 -1.11
CA MET B 302 25.03 -9.97 -0.90
C MET B 302 25.41 -10.01 0.58
N PHE B 303 26.65 -9.59 0.89
CA PHE B 303 27.18 -9.47 2.25
C PHE B 303 27.19 -10.78 3.02
N ARG B 304 27.41 -11.89 2.32
CA ARG B 304 27.51 -13.19 2.96
C ARG B 304 28.99 -13.45 3.27
N GLN B 305 29.90 -13.14 2.29
CA GLN B 305 31.34 -13.35 2.42
C GLN B 305 31.98 -12.56 3.57
N ALA B 306 32.96 -13.20 4.29
CA ALA B 306 33.69 -12.66 5.45
C ALA B 306 34.91 -11.76 5.11
N SER B 307 34.99 -11.37 3.80
CA SER B 307 35.97 -10.49 3.14
C SER B 307 36.28 -9.30 4.04
N ASP B 308 35.20 -8.60 4.41
CA ASP B 308 35.20 -7.44 5.27
C ASP B 308 33.93 -7.50 6.08
N ARG B 309 33.95 -8.37 7.08
CA ARG B 309 32.86 -8.58 8.01
C ARG B 309 32.57 -7.26 8.69
N GLU B 310 33.62 -6.54 9.10
CA GLU B 310 33.51 -5.26 9.78
C GLU B 310 32.90 -4.16 8.93
N ALA B 311 33.20 -4.15 7.61
CA ALA B 311 32.65 -3.11 6.72
C ALA B 311 31.14 -3.23 6.57
N VAL B 312 30.65 -4.46 6.47
CA VAL B 312 29.23 -4.73 6.38
C VAL B 312 28.60 -4.36 7.70
N TYR B 313 29.22 -4.76 8.85
CA TYR B 313 28.75 -4.44 10.20
C TYR B 313 28.64 -2.96 10.37
N ALA B 314 29.65 -2.20 9.89
CA ALA B 314 29.66 -0.76 9.99
C ALA B 314 28.57 -0.11 9.14
N ALA B 315 28.37 -0.61 7.87
CA ALA B 315 27.35 -0.11 6.95
C ALA B 315 25.95 -0.27 7.52
N PHE B 316 25.64 -1.48 8.00
CA PHE B 316 24.36 -1.79 8.64
C PHE B 316 24.18 -1.02 9.91
N THR B 317 25.24 -0.88 10.73
CA THR B 317 25.17 -0.13 11.99
C THR B 317 24.82 1.34 11.74
N PHE B 318 25.47 1.94 10.73
CA PHE B 318 25.19 3.33 10.44
C PHE B 318 23.76 3.44 9.97
N SER B 319 23.32 2.50 9.10
CA SER B 319 21.96 2.48 8.54
C SER B 319 20.87 2.39 9.58
N HIS B 320 21.08 1.54 10.62
CA HIS B 320 20.12 1.43 11.72
C HIS B 320 20.07 2.75 12.45
N TRP B 321 21.24 3.30 12.75
CA TRP B 321 21.27 4.56 13.45
C TRP B 321 20.50 5.63 12.71
N LEU B 322 20.62 5.69 11.37
CA LEU B 322 19.89 6.67 10.55
C LEU B 322 18.39 6.60 10.73
N VAL B 323 17.83 5.37 10.85
CA VAL B 323 16.42 5.18 11.07
C VAL B 323 16.00 5.92 12.35
N TYR B 324 16.75 5.72 13.42
CA TYR B 324 16.49 6.35 14.72
C TYR B 324 16.76 7.84 14.66
N ALA B 325 17.76 8.26 13.86
CA ALA B 325 18.09 9.65 13.69
C ALA B 325 16.91 10.41 13.11
N ASN B 326 16.09 9.77 12.23
CA ASN B 326 14.90 10.38 11.65
C ASN B 326 13.93 10.78 12.74
N SER B 327 13.73 9.92 13.77
CA SER B 327 12.83 10.24 14.89
C SER B 327 13.28 11.47 15.64
N ALA B 328 14.60 11.69 15.74
CA ALA B 328 15.16 12.89 16.38
C ALA B 328 15.00 14.12 15.47
N ALA B 329 15.11 13.92 14.14
CA ALA B 329 15.09 14.96 13.15
C ALA B 329 13.73 15.61 12.93
N ASN B 330 12.64 14.85 13.00
CA ASN B 330 11.31 15.42 12.75
C ASN B 330 10.96 16.59 13.69
N PRO B 331 11.08 16.51 15.06
CA PRO B 331 10.76 17.69 15.90
C PRO B 331 11.63 18.91 15.55
N ILE B 332 12.93 18.69 15.26
CA ILE B 332 13.87 19.74 14.84
C ILE B 332 13.36 20.42 13.58
N ILE B 333 12.84 19.63 12.61
CA ILE B 333 12.26 20.15 11.36
C ILE B 333 11.08 21.07 11.67
N TYR B 334 10.17 20.63 12.57
CA TYR B 334 9.02 21.45 12.94
C TYR B 334 9.45 22.73 13.62
N ASN B 335 10.49 22.69 14.45
CA ASN B 335 10.95 23.90 15.13
C ASN B 335 11.40 24.96 14.14
N PHE B 336 12.09 24.55 13.06
CA PHE B 336 12.64 25.48 12.08
C PHE B 336 11.65 25.90 11.00
N LEU B 337 10.60 25.10 10.77
CA LEU B 337 9.68 25.38 9.67
C LEU B 337 8.23 25.63 10.07
N SER B 338 7.93 25.51 11.37
CA SER B 338 6.59 25.80 11.89
C SER B 338 6.71 26.77 13.06
N GLY B 339 6.21 27.98 12.86
CA GLY B 339 6.21 29.02 13.88
C GLY B 339 5.42 28.62 15.09
N LYS B 340 4.30 27.90 14.85
CA LYS B 340 3.38 27.39 15.87
C LYS B 340 4.11 26.39 16.79
N PHE B 341 4.75 25.39 16.17
CA PHE B 341 5.53 24.39 16.88
C PHE B 341 6.69 25.03 17.63
N ARG B 342 7.41 25.97 16.99
CA ARG B 342 8.55 26.65 17.61
C ARG B 342 8.12 27.39 18.85
N GLU B 343 6.96 28.05 18.80
CA GLU B 343 6.39 28.80 19.93
C GLU B 343 6.16 27.89 21.13
N GLN B 344 5.59 26.70 20.89
CA GLN B 344 5.36 25.73 21.95
C GLN B 344 6.65 25.17 22.51
N PHE B 345 7.65 25.03 21.62
CA PHE B 345 8.97 24.54 22.00
C PHE B 345 9.70 25.56 22.84
N LYS B 346 9.61 26.84 22.47
CA LYS B 346 10.25 27.86 23.27
C LYS B 346 9.49 28.05 24.58
N ALA B 347 8.15 27.81 24.57
CA ALA B 347 7.33 27.90 25.78
C ALA B 347 7.73 26.81 26.80
N ALA B 348 8.16 25.62 26.32
CA ALA B 348 8.62 24.55 27.21
C ALA B 348 10.07 24.74 27.63
N PHE B 349 10.95 25.15 26.69
CA PHE B 349 12.37 25.38 26.91
C PHE B 349 12.67 26.54 27.83
N SER B 350 11.77 27.52 27.88
CA SER B 350 11.90 28.65 28.80
C SER B 350 11.34 28.20 30.16
N TRP B 351 10.19 27.47 30.15
CA TRP B 351 9.50 26.99 31.34
C TRP B 351 10.32 26.01 32.20
N TRP B 352 10.83 24.93 31.60
CA TRP B 352 11.57 23.93 32.38
C TRP B 352 13.11 24.13 32.38
N LEU B 353 13.67 24.87 31.40
CA LEU B 353 15.13 25.10 31.32
C LEU B 353 15.52 26.61 31.14
N PRO B 354 15.27 27.50 32.15
CA PRO B 354 15.65 28.91 32.00
C PRO B 354 17.16 29.14 32.10
C01 NS2 C . -8.24 -4.05 -22.69
C03 NS2 C . -7.06 -3.94 -20.57
C04 NS2 C . -8.06 -4.57 -19.82
C05 NS2 C . -7.78 -4.78 -18.44
C06 NS2 C . -6.52 -4.36 -17.87
C07 NS2 C . -5.49 -3.78 -18.63
C08 NS2 C . -5.83 -3.63 -19.97
C09 NS2 C . -4.14 -3.36 -18.15
C12 NS2 C . -2.36 -1.88 -16.92
C13 NS2 C . -2.36 -0.47 -16.37
C14 NS2 C . -3.59 0.14 -16.98
C15 NS2 C . -4.57 -1.00 -17.09
C16 NS2 C . -5.29 -1.18 -15.69
C17 NS2 C . -5.56 -0.69 -18.22
C19 NS2 C . -7.53 -0.77 -19.19
C20 NS2 C . -8.92 -0.84 -19.35
C21 NS2 C . -9.41 -0.72 -20.57
C22 NS2 C . -8.58 -0.41 -21.60
C23 NS2 C . -7.16 -0.34 -21.53
C24 NS2 C . -6.64 -0.49 -20.24
C26 NS2 C . -6.29 -0.08 -22.67
C30 NS2 C . -5.39 -4.97 -14.56
C31 NS2 C . -6.78 -5.37 -14.50
N11 NS2 C . -3.79 -2.18 -17.41
N18 NS2 C . -6.84 -0.92 -18.02
N25 NS2 C . -5.33 -0.54 -19.64
N28 NS2 C . -6.35 -4.67 -16.46
N29 NS2 C . -5.14 -4.55 -15.82
N32 NS2 C . -7.36 -5.17 -15.70
O02 NS2 C . -7.09 -3.75 -21.95
O10 NS2 C . -3.22 -4.17 -18.31
CL1 NS2 C . -9.58 -0.31 -23.01
H013 NS2 C . -8.41 -3.34 -23.25
H011 NS2 C . -9.02 -4.10 -22.19
H012 NS2 C . -8.14 -4.78 -23.26
H041 NS2 C . -8.86 -4.81 -20.22
H051 NS2 C . -8.46 -5.16 -17.96
H081 NS2 C . -5.19 -3.24 -20.50
H121 NS2 C . -1.69 -1.99 -17.56
H122 NS2 C . -2.07 -2.44 -16.22
H131 NS2 C . -1.59 -0.01 -16.58
H132 NS2 C . -2.37 -0.42 -15.43
H141 NS2 C . -3.94 0.85 -16.46
H142 NS2 C . -3.39 0.54 -17.80
H162 NS2 C . -5.88 -1.90 -15.68
H161 NS2 C . -5.79 -0.42 -15.43
H163 NS2 C . -4.67 -1.34 -15.00
H201 NS2 C . -9.46 -1.04 -18.66
H211 NS2 C . -10.34 -0.74 -20.69
H261 NS2 C . -6.53 -0.55 -23.45
H263 NS2 C . -5.39 -0.30 -22.50
H262 NS2 C . -6.32 0.82 -22.90
H301 NS2 C . -4.76 -4.99 -13.89
H311 NS2 C . -7.23 -5.70 -13.75
H251 NS2 C . -4.57 -0.39 -20.05
S SO4 D . -18.94 -10.72 14.08
O1 SO4 D . -19.14 -12.09 13.53
O2 SO4 D . -20.03 -9.83 13.64
O3 SO4 D . -17.63 -10.20 13.66
O4 SO4 D . -18.90 -10.73 15.54
S SO4 E . -25.62 -16.64 5.70
O1 SO4 E . -26.61 -16.40 6.74
O2 SO4 E . -26.10 -17.72 4.82
O3 SO4 E . -24.37 -17.08 6.32
O4 SO4 E . -25.39 -15.40 4.95
CAD PGW F . 3.84 -15.78 15.32
OAE PGW F . 4.07 -15.37 16.69
OAF PGW F . 1.42 -15.57 15.92
P PGW F . 1.37 -19.14 12.65
C01 PGW F . 3.20 -17.52 9.47
C1 PGW F . 1.10 -14.64 9.70
O01 PGW F . 1.30 -15.95 9.07
C02 PGW F . 1.86 -16.94 9.94
C2 PGW F . -0.27 -13.98 9.66
O02 PGW F . 2.04 -14.11 10.26
C03 PGW F . 0.81 -18.01 10.25
C3 PGW F . -0.14 -12.54 9.20
O03 PGW F . 3.44 -17.26 8.08
C04 PGW F . 2.10 -17.49 14.62
C4 PGW F . -1.35 -11.70 9.55
O04 PGW F . 5.32 -18.00 6.98
C05 PGW F . 2.37 -16.02 14.94
C5 PGW F . -2.10 -11.38 8.27
C06 PGW F . -4.22 -6.55 4.94
C6 PGW F . -2.42 -9.90 8.15
C07 PGW F . -3.52 -6.19 3.63
C7 PGW F . -3.94 -9.73 7.99
C08 PGW F . -3.50 -4.69 3.38
C8 PGW F . -4.34 -8.47 7.22
C09 PGW F . -2.19 -4.21 2.75
C9 PGW F . -4.83 -8.82 5.83
C10 PGW F . -4.76 -7.96 4.81
C11 PGW F . -2.37 -3.39 1.47
O11 PGW F . 1.35 -19.08 11.04
C12 PGW F . -1.05 -3.29 0.65
O12 PGW F . 1.91 -17.72 13.21
C13 PGW F . -0.46 -1.88 0.63
O13 PGW F . 2.44 -20.16 12.97
C14 PGW F . 0.18 -1.45 1.94
O14 PGW F . -0.06 -19.35 13.12
C15 PGW F . 3.96 -11.59 0.29
C16 PGW F . 3.12 -10.61 1.09
C17 PGW F . 3.79 -9.27 1.26
C18 PGW F . 4.15 -8.99 2.72
C19 PGW F . 4.78 -17.06 7.54
C20 PGW F . 5.50 -15.72 7.67
C21 PGW F . 6.35 -15.38 6.44
C22 PGW F . 5.54 -14.82 5.29
C23 PGW F . 5.82 -15.56 3.98
C24 PGW F . 6.62 -14.68 3.02
C25 PGW F . 5.98 -14.64 1.62
C26 PGW F . 5.72 -13.21 1.16
C27 PGW F . 4.22 -12.87 1.10
C28 PGW F . 3.98 -7.48 2.97
C29 PGW F . 4.45 -5.43 4.32
C30 PGW F . 4.59 -6.94 4.28
C1 SOG G . -16.10 10.87 -27.23
C2 SOG G . -15.60 11.56 -28.51
C3 SOG G . -14.47 12.56 -28.22
C4 SOG G . -14.04 12.73 -26.75
C5 SOG G . -15.13 12.49 -25.68
C6 SOG G . -15.49 13.78 -24.94
C1' SOG G . -17.72 8.85 -26.15
C2' SOG G . -17.98 7.40 -26.58
C3' SOG G . -18.55 6.55 -25.45
C4' SOG G . -17.48 5.62 -24.87
C5' SOG G . -17.74 5.37 -23.38
C6' SOG G . -16.93 4.19 -22.86
C7' SOG G . -17.71 2.88 -22.83
C8' SOG G . -17.14 1.93 -23.87
S1 SOG G . -17.51 9.86 -27.59
O2 SOG G . -15.24 10.59 -29.50
O3 SOG G . -14.86 13.84 -28.77
O4 SOG G . -12.86 11.96 -26.41
O5 SOG G . -16.33 11.87 -26.20
O6 SOG G . -14.42 14.19 -24.09
C1 SOG H . -14.08 8.56 -42.13
C2 SOG H . -13.27 8.33 -40.82
C3 SOG H . -13.93 8.96 -39.58
C4 SOG H . -14.84 10.20 -39.83
C5 SOG H . -15.47 10.22 -41.25
C6 SOG H . -16.29 11.48 -41.57
C1' SOG H . -11.73 8.72 -43.77
C2' SOG H . -11.09 8.17 -45.05
C3' SOG H . -10.15 7.01 -44.74
C4' SOG H . -8.89 7.20 -45.56
C5' SOG H . -7.63 6.76 -44.82
C6' SOG H . -7.17 5.42 -45.38
C7' SOG H . -5.67 5.22 -45.14
C8' SOG H . -4.90 5.17 -46.44
S1 SOG H . -13.29 7.92 -43.60
O2 SOG H . -13.08 6.94 -40.55
O3 SOG H . -12.89 9.21 -38.61
O4 SOG H . -15.92 10.23 -38.87
O5 SOG H . -14.47 9.94 -42.24
O6 SOG H . -17.47 11.62 -40.76
C1 SOG I . 18.15 5.45 -17.19
C2 SOG I . 19.25 5.54 -16.09
C3 SOG I . 20.36 4.48 -16.19
C4 SOG I . 19.87 3.08 -16.60
C5 SOG I . 18.89 3.11 -17.79
C6 SOG I . 18.28 1.72 -18.03
C1' SOG I . 16.72 7.89 -16.82
C2' SOG I . 15.43 8.55 -16.34
C3' SOG I . 15.51 8.97 -14.87
C4' SOG I . 14.33 8.50 -14.02
C5' SOG I . 13.28 9.57 -13.79
C6' SOG I . 13.61 10.58 -12.68
C7' SOG I . 12.78 11.87 -12.79
C8' SOG I . 13.30 12.98 -11.92
S1 SOG I . 16.62 6.14 -16.60
O2 SOG I . 19.84 6.85 -16.01
O3 SOG I . 21.09 4.40 -14.94
O4 SOG I . 20.99 2.22 -16.87
O5 SOG I . 17.84 4.09 -17.62
O6 SOG I . 17.19 1.80 -18.94
C1 SOG J . -5.80 -6.67 26.76
C2 SOG J . -6.18 -7.22 25.36
C3 SOG J . -5.64 -8.64 25.06
C4 SOG J . -4.34 -9.05 25.77
C5 SOG J . -4.26 -8.49 27.21
C6 SOG J . -2.93 -8.76 27.92
C1' SOG J . -5.26 -4.52 28.43
C2' SOG J . -5.42 -3.04 28.74
S1 SOG J . -5.88 -4.89 26.81
O2 SOG J . -7.60 -7.21 25.20
O3 SOG J . -5.46 -8.77 23.64
O4 SOG J . -4.17 -10.48 25.74
O5 SOG J . -4.49 -7.07 27.17
O6 SOG J . -2.78 -7.89 29.05
C1 SOG K . 9.16 10.81 -16.40
C2 SOG K . 8.97 9.35 -16.89
C3 SOG K . 8.12 9.24 -18.18
C4 SOG K . 6.90 10.15 -18.20
C5 SOG K . 7.48 11.56 -17.98
C6 SOG K . 6.67 12.78 -18.37
C1' SOG K . 9.06 12.31 -14.03
C2' SOG K . 8.51 12.08 -12.61
C3' SOG K . 7.13 12.74 -12.36
C4' SOG K . 7.16 14.23 -12.02
C5' SOG K . 7.35 14.51 -10.52
C6' SOG K . 8.52 15.46 -10.25
C7' SOG K . 8.94 15.56 -8.77
C8' SOG K . 10.02 16.58 -8.55
S1 SOG K . 9.80 10.86 -14.74
O2 SOG K . 10.27 8.80 -17.12
O3 SOG K . 7.79 7.89 -18.46
O4 SOG K . 6.22 10.03 -19.46
O5 SOG K . 7.96 11.60 -16.62
O6 SOG K . 7.51 13.67 -19.14
C1 SOG L . 17.01 -4.31 -15.79
C2 SOG L . 15.73 -4.06 -14.96
C3 SOG L . 14.99 -5.33 -14.53
C4 SOG L . 14.82 -6.34 -15.69
C5 SOG L . 16.18 -6.57 -16.37
C6 SOG L . 16.12 -7.58 -17.53
C1' SOG L . 19.36 -3.11 -16.60
C2' SOG L . 19.91 -2.32 -17.77
C3' SOG L . 21.39 -1.97 -17.57
C4' SOG L . 22.13 -1.72 -18.89
C5' SOG L . 23.37 -2.61 -19.05
C6' SOG L . 24.39 -2.05 -20.02
C7' SOG L . 25.77 -2.67 -19.80
C8' SOG L . 26.82 -1.63 -19.41
S1 SOG L . 17.62 -2.81 -16.53
O2 SOG L . 16.00 -3.24 -13.80
O3 SOG L . 13.75 -5.02 -13.87
O4 SOG L . 14.34 -7.57 -15.15
O5 SOG L . 16.76 -5.31 -16.82
O6 SOG L . 16.79 -8.79 -17.15
C1 SOG M . -11.36 -9.05 -47.58
C2 SOG M . -10.73 -7.66 -47.77
C3 SOG M . -9.26 -7.64 -47.35
C4 SOG M . -8.95 -8.37 -46.02
C5 SOG M . -9.85 -9.59 -45.68
C6 SOG M . -9.87 -9.79 -44.16
C1' SOG M . -13.64 -10.67 -47.73
C2' SOG M . -15.17 -10.69 -47.74
C3' SOG M . -15.74 -12.03 -48.20
C4' SOG M . -16.87 -11.84 -49.20
C5' SOG M . -17.45 -13.18 -49.65
C6' SOG M . -18.87 -13.38 -49.12
C7' SOG M . -19.61 -14.50 -49.86
C8' SOG M . -21.11 -14.31 -49.84
S1 SOG M . -13.08 -9.02 -48.02
O2 SOG M . -10.86 -7.15 -49.11
O3 SOG M . -8.82 -6.28 -47.27
O4 SOG M . -7.59 -8.81 -46.04
O5 SOG M . -11.19 -9.48 -46.20
O6 SOG M . -10.98 -10.56 -43.68
C01 NS2 N . 19.25 -3.26 14.61
C03 NS2 N . 17.60 -3.11 12.84
C04 NS2 N . 17.31 -1.76 13.03
C05 NS2 N . 16.36 -1.19 12.15
C06 NS2 N . 15.75 -1.96 11.11
C07 NS2 N . 16.10 -3.30 10.87
C08 NS2 N . 17.03 -3.78 11.75
C09 NS2 N . 15.58 -4.18 9.74
C12 NS2 N . 13.89 -5.71 8.48
C13 NS2 N . 12.60 -6.41 8.87
C14 NS2 N . 12.61 -6.35 10.36
C15 NS2 N . 13.30 -5.05 10.68
C16 NS2 N . 12.25 -3.89 10.58
C17 NS2 N . 13.92 -5.16 12.07
C19 NS2 N . 14.57 -4.36 14.00
C20 NS2 N . 14.61 -3.54 15.16
C21 NS2 N . 15.46 -3.86 16.11
C22 NS2 N . 16.18 -5.03 16.01
C23 NS2 N . 16.22 -5.89 14.88
C24 NS2 N . 15.32 -5.54 13.85
C26 NS2 N . 17.03 -7.10 14.78
C30 NS2 N . 13.62 -0.78 8.51
C31 NS2 N . 13.68 0.35 9.40
N11 NS2 N . 14.31 -4.86 9.67
N18 NS2 N . 13.80 -4.15 12.91
N25 NS2 N . 15.00 -6.02 12.54
N28 NS2 N . 14.85 -1.24 10.22
N29 NS2 N . 14.38 -1.76 9.03
N32 NS2 N . 14.47 0.04 10.47
O02 NS2 N . 18.57 -3.82 13.52
O10 NS2 N . 16.29 -4.24 8.74
CL1 NS2 N . 17.12 -5.09 17.41
H013 NS2 N . 19.24 -3.91 15.29
H011 NS2 N . 18.79 -2.55 15.00
H012 NS2 N . 20.15 -3.09 14.45
H041 NS2 N . 17.70 -1.29 13.73
H051 NS2 N . 16.14 -0.30 12.31
H081 NS2 N . 17.30 -4.67 11.63
H121 NS2 N . 14.54 -6.32 8.16
H122 NS2 N . 13.71 -5.20 7.71
H131 NS2 N . 12.56 -7.28 8.54
H132 NS2 N . 11.83 -6.03 8.50
H141 NS2 N . 11.75 -6.39 10.72
H142 NS2 N . 13.05 -7.12 10.72
H162 NS2 N . 12.62 -3.04 10.71
H161 NS2 N . 11.54 -3.98 11.19
H163 NS2 N . 11.85 -3.83 9.72
H201 NS2 N . 14.14 -2.77 15.21
H211 NS2 N . 15.49 -3.34 16.88
H261 NS2 N . 17.91 -6.99 15.10
H263 NS2 N . 17.11 -7.43 13.91
H262 NS2 N . 16.66 -7.79 15.29
H301 NS2 N . 13.16 -0.85 7.70
H311 NS2 N . 13.27 1.17 9.30
H251 NS2 N . 15.29 -6.76 12.19
S SO4 O . -7.21 23.27 4.48
O1 SO4 O . -8.40 23.97 4.96
O2 SO4 O . -7.58 22.52 3.29
O3 SO4 O . -6.15 24.23 4.12
O4 SO4 O . -6.75 22.37 5.55
CAD PGW P . 5.92 16.03 -16.26
OAE PGW P . 6.75 15.11 -15.53
OAF PGW P . 4.08 14.85 -17.33
P PGW P . 1.82 16.72 -13.83
C01 PGW P . 3.78 12.25 -13.85
C1 PGW P . 1.11 12.31 -11.28
O01 PGW P . 2.37 12.79 -11.91
C02 PGW P . 2.42 12.72 -13.34
C2 PGW P . 0.75 12.74 -9.87
O02 PGW P . 0.36 11.54 -11.88
C03 PGW P . 1.97 14.02 -14.02
C3 PGW P . 0.35 11.47 -9.14
O03 PGW P . 3.92 10.90 -13.41
C04 PGW P . 3.49 16.79 -16.01
C4 PGW P . -0.86 11.73 -8.28
O04 PGW P . 5.49 10.07 -14.97
C05 PGW P . 4.46 15.60 -16.18
C5 PGW P . -0.45 12.09 -6.86
C06 PGW P . -0.48 8.40 -1.80
C6 PGW P . -0.80 10.96 -5.91
C07 PGW P . -0.33 7.72 -0.45
C7 PGW P . -1.57 11.48 -4.71
C08 PGW P . -0.74 6.24 -0.52
C8 PGW P . -1.52 10.46 -3.58
C09 PGW P . 0.47 5.34 -0.41
C9 PGW P . -0.44 10.76 -2.54
C10 PGW P . 0.04 9.81 -1.72
C11 PGW P . 0.12 4.00 0.24
O11 PGW P . 2.20 15.23 -13.26
C12 PGW P . -0.05 2.88 -0.79
O12 PGW P . 3.20 17.09 -14.63
C13 PGW P . 0.30 1.53 -0.17
O13 PGW P . 0.63 16.56 -14.79
C14 PGW P . 1.62 1.01 -0.70
O14 PGW P . 1.71 17.70 -12.68
C15 PGW P . 6.02 4.92 -7.74
C16 PGW P . 4.96 4.07 -8.44
C17 PGW P . 3.86 3.58 -7.49
C18 PGW P . 2.68 3.08 -8.34
C19 PGW P . 4.63 9.83 -14.13
C20 PGW P . 4.31 8.38 -13.83
C21 PGW P . 5.09 7.93 -12.59
C22 PGW P . 6.49 7.46 -12.95
C23 PGW P . 6.61 5.95 -12.76
C24 PGW P . 7.92 5.57 -12.05
C25 PGW P . 7.71 4.69 -10.81
C26 PGW P . 7.74 5.46 -9.49
C27 PGW P . 7.38 4.56 -8.31
C28 PGW P . 1.38 2.95 -7.56
C29 PGW P . -0.34 1.21 -8.15
C30 PGW P . 0.97 1.49 -7.44
C1 SOG Q . 16.40 -18.03 -6.82
C2 SOG Q . 17.52 -18.41 -7.81
C3 SOG Q . 17.21 -18.03 -9.26
C4 SOG Q . 16.74 -16.57 -9.42
C5 SOG Q . 16.04 -15.94 -8.21
C6 SOG Q . 14.79 -15.15 -8.64
C1' SOG Q . 15.19 -19.73 -4.94
C2' SOG Q . 14.97 -21.25 -4.80
C3' SOG Q . 13.92 -21.63 -3.77
C4' SOG Q . 12.82 -22.46 -4.41
C5' SOG Q . 12.00 -23.16 -3.32
C6' SOG Q . 10.51 -23.20 -3.66
C7' SOG Q . 9.74 -22.06 -2.98
C8' SOG Q . 8.52 -22.54 -2.24
S1 SOG Q . 15.22 -19.35 -6.67
O2 SOG Q . 18.80 -17.90 -7.43
O3 SOG Q . 16.28 -18.95 -9.85
O4 SOG Q . 17.87 -15.78 -9.79
O5 SOG Q . 15.63 -16.85 -7.17
O6 SOG Q . 13.91 -14.89 -7.55
C1 SOG R . 18.80 -13.27 -7.98
C2 SOG R . 19.76 -12.29 -8.70
C3 SOG R . 21.24 -12.70 -8.59
C4 SOG R . 21.65 -12.97 -7.13
C5 SOG R . 20.73 -14.08 -6.56
C6 SOG R . 21.03 -14.44 -5.09
C1' SOG R . 16.64 -11.54 -8.81
C2' SOG R . 15.52 -10.58 -8.37
C3' SOG R . 14.13 -11.24 -8.28
C4' SOG R . 13.67 -11.55 -6.84
C5' SOG R . 12.23 -12.06 -6.75
C6' SOG R . 11.28 -11.10 -6.02
C7' SOG R . 10.05 -10.69 -6.83
C8' SOG R . 8.80 -10.50 -5.99
S1 SOG R . 17.24 -12.57 -7.49
O2 SOG R . 19.38 -12.14 -10.08
O3 SOG R . 22.14 -11.73 -9.18
O4 SOG R . 23.05 -13.28 -7.02
O5 SOG R . 19.33 -13.76 -6.73
O6 SOG R . 21.09 -15.87 -4.88
C1 SOG S . 10.36 31.24 -4.14
C2 SOG S . 11.53 30.31 -4.49
C3 SOG S . 11.95 30.43 -5.97
C4 SOG S . 10.78 30.50 -6.97
C5 SOG S . 9.65 31.41 -6.47
C6 SOG S . 8.41 31.41 -7.37
C1' SOG S . 8.46 32.14 -2.33
S1 SOG S . 9.80 30.99 -2.48
O2 SOG S . 12.66 30.57 -3.65
O3 SOG S . 12.84 29.37 -6.33
O4 SOG S . 11.28 31.00 -8.21
O5 SOG S . 9.28 31.11 -5.10
O6 SOG S . 7.50 30.39 -7.00
C1 SOG T . 28.13 9.62 13.51
C1' SOG T . 27.39 7.06 14.28
C2' SOG T . 27.40 5.72 13.54
C3' SOG T . 26.35 4.76 14.06
S1 SOG T . 26.89 8.40 13.21
C1 SOG U . 15.74 -11.78 28.86
C2 SOG U . 14.54 -11.33 29.74
C3 SOG U . 14.34 -9.81 29.57
C4 SOG U . 15.63 -8.94 29.58
C5 SOG U . 16.91 -9.64 29.02
C6 SOG U . 18.21 -9.00 29.49
S1 SOG U . 16.02 -13.53 28.82
O2 SOG U . 13.30 -12.03 29.44
O3 SOG U . 13.38 -9.36 30.55
O4 SOG U . 15.40 -7.70 28.89
O5 SOG U . 16.93 -11.07 29.28
O6 SOG U . 19.33 -9.90 29.39
C1 SOG V . -7.94 16.51 -12.70
C2 SOG V . -7.54 15.06 -13.05
C3 SOG V . -6.03 14.75 -12.90
C4 SOG V . -5.04 15.95 -12.88
C5 SOG V . -5.68 17.37 -12.80
C6 SOG V . -4.83 18.46 -13.45
S1 SOG V . -9.61 16.97 -13.01
O2 SOG V . -8.23 14.07 -12.25
O3 SOG V . -5.68 13.83 -13.94
O4 SOG V . -4.09 15.79 -11.81
O5 SOG V . -7.02 17.40 -13.36
O6 SOG V . -5.61 19.66 -13.63
C1 SOG W . 8.13 -19.96 7.48
C2 SOG W . 9.22 -20.03 6.42
C3 SOG W . 8.57 -19.99 5.02
C4 SOG W . 7.35 -20.94 4.85
C5 SOG W . 6.51 -21.11 6.14
C6 SOG W . 5.59 -22.35 6.10
C1' SOG W . 7.30 -19.23 10.02
C2' SOG W . 6.98 -20.07 11.25
C3' SOG W . 5.75 -19.52 11.98
C4' SOG W . 6.12 -19.02 13.37
C5' SOG W . 5.52 -19.90 14.47
C6' SOG W . 5.94 -19.49 15.89
C7' SOG W . 4.75 -19.36 16.84
C8' SOG W . 4.98 -18.28 17.87
S1 SOG W . 8.72 -19.84 9.15
O2 SOG W . 10.14 -18.95 6.55
O3 SOG W . 9.57 -20.21 4.00
O4 SOG W . 6.45 -20.48 3.82
O5 SOG W . 7.34 -21.13 7.32
O6 SOG W . 4.60 -22.32 7.15
#